data_8FN0
#
_entry.id   8FN0
#
_cell.length_a   1.00
_cell.length_b   1.00
_cell.length_c   1.00
_cell.angle_alpha   90.00
_cell.angle_beta   90.00
_cell.angle_gamma   90.00
#
_symmetry.space_group_name_H-M   'P 1'
#
loop_
_entity.id
_entity.type
_entity.pdbx_description
1 polymer 'Neurotensin receptor type 1'
2 polymer 'Neurotensin/neuromedin N'
3 polymer 'Guanine nucleotide-binding protein G(I)/G(S)/G(T) subunit beta-1'
4 polymer 'Guanine nucleotide-binding protein G(I)/G(S)/G(O) subunit gamma-2'
5 polymer MiniGo
6 polymer scFv16
7 non-polymer 2-[{2-(1-fluorocyclopropyl)-4-[4-(2-methoxyphenyl)piperidin-1-yl]quinazolin-6-yl}(methyl)amino]ethan-1-ol
#
loop_
_entity_poly.entity_id
_entity_poly.type
_entity_poly.pdbx_seq_one_letter_code
_entity_poly.pdbx_strand_id
1 'polypeptide(L)'
;MHHHHHHHHHHSDLEVLFQGPLGSGAPTSESDTAGPNSDLDVNTDIYSKVLVTAIYLALFVVGTVGNSVTLFTLARKKSL
QSLQSTVHYHLGSLALSDLLILLLAMPVELYNFIWVHHPWAFGDAGCRGYYFLRDACTYATALNVASLSVERYLAICHPF
KAKTLMSRSRTKKFISAIWLASALLAIPMLFTMGLQNRSADGTHPGGLVCTPIVDTATVKVVIQVNTFMSFLFPMLVISI
LNTVIANKLTVMVHQAAEQGRVCTVGTHNGLEHSTFNMTIEPGRVQALRHGVLVLRAVVIAFVVCWLPYHVRRLMFCYIS
DEQWTTFLFDFYHYFYMLTNALFYASSAINPILYNLVSANFRQVFLSTLACLCPGWRHRRKKRPTFSRKPNSMSSNHAFS
TSATRETLY
;
A
2 'polypeptide(L)' RRPYIL F
3 'polypeptide(L)'
;MHHHHHHLEVLFQGPGSSGSELDQLRQEAEQLKNQIRDARKACADATLSQITNNIDPVGRIQMRTRRTLRGHLAKIYAMH
WGTDSRLLVSASQDGKLIIWDSYTTNKVHAIPLRSSWVMTCAYAPSGNYVACGGLDNICSIYNLKTREGNVRVSRELAGH
TGYLSCCRFLDDNQIVTSSGDTTCALWDIETGQQTTTFTGHTGDVMSLSLAPDTRLFVSGACDASAKLWDVREGMCRQTF
TGHESDINAICFFPNGNAFATGSDDATCRLFDLRADQELMTYSHDNIICGITSVSFSKSGRLLLAGYDDFNCNVWDALKA
DRAGVLAGHDNRVSCLGVTDDGMAVATGSWDSFLKIWN
;
C
4 'polypeptide(L)' MASNNTASIAQARKLVEQLKMEANIDRIKVSKAAADLMAYCEAHAKEDPLLTPVPASENPFREKKFFCAIL D
5 'polypeptide(L)'
;MGCTLSAEDKAAVERSKMIEKNLKEDGISAAKDVKLLLLGADNSGKSTIVKQMKIIHGGSGGSGGTTGIVETHFTFKNLH
FRLFDVGGQRSERKKWIHCFEDVTAIIFCVDLSDYNRMHESLMLFDSICNNKFFIDTSIILFLNKKDLFGEKIKKSPLTI
CFPEYTGPNTYEDAAAYIQAQFESKNRSPNKEIYCHMTCATDTNNAQVIFDAVTDIIIANNLRGCGLY
;
B
6 'polypeptide(L)'
;DVQLVESGGGLVQPGGSRKLSCSASGFAFSSFGMHWVRQAPEKGLEWVAYISSGSGTIYYADTVKGRFTISRDDPKNTLF
LQMTSLRSEDTAMYYCVRSIYYYGSSPFDFWGQGTTLTVSSGGGGSGGGGSGGGGSDIVMTQATSSVPVTPGESVSISCR
SSKSLLHSNGNTYLYWFLQRPGQSPQLLIYRMSNLASGVPDRFSGSGSGTAFTLTISRLEAEDVGVYYCMQHLEYPLTFG
AGTKLELKAAALEVLFQGPHHHHHHHH
;
E
#
# COMPACT_ATOMS: atom_id res chain seq x y z
N ASN A 37 10.56 64.11 -22.15
CA ASN A 37 10.22 64.33 -20.75
C ASN A 37 8.94 65.16 -20.62
N SER A 38 8.57 65.85 -21.70
CA SER A 38 7.42 66.74 -21.70
C SER A 38 6.20 66.12 -22.36
N ASP A 39 6.32 64.95 -23.00
CA ASP A 39 5.21 64.33 -23.70
C ASP A 39 4.96 62.89 -23.26
N LEU A 40 5.60 62.43 -22.19
CA LEU A 40 5.39 61.07 -21.74
C LEU A 40 4.23 60.96 -20.75
N ASP A 41 3.88 62.06 -20.07
CA ASP A 41 2.77 62.07 -19.15
C ASP A 41 1.50 62.26 -19.97
N VAL A 42 0.65 61.24 -20.01
CA VAL A 42 -0.53 61.27 -20.87
C VAL A 42 -1.58 62.12 -20.17
N ASN A 43 -2.15 63.08 -20.92
CA ASN A 43 -3.12 64.01 -20.34
C ASN A 43 -4.50 63.37 -20.31
N THR A 44 -4.64 62.41 -19.41
CA THR A 44 -5.88 61.68 -19.23
C THR A 44 -6.76 62.46 -18.26
N ASP A 45 -8.03 62.09 -18.19
CA ASP A 45 -8.89 62.71 -17.19
C ASP A 45 -8.52 62.19 -15.81
N ILE A 46 -8.77 63.03 -14.80
CA ILE A 46 -8.53 62.62 -13.42
C ILE A 46 -9.70 61.81 -12.92
N TYR A 47 -10.91 62.23 -13.30
CA TYR A 47 -12.11 61.47 -12.92
C TYR A 47 -11.94 60.03 -13.34
N SER A 48 -11.46 59.81 -14.56
CA SER A 48 -11.24 58.45 -15.03
C SER A 48 -10.19 57.74 -14.22
N LYS A 49 -9.08 58.44 -13.88
CA LYS A 49 -8.05 57.75 -13.12
C LYS A 49 -8.58 57.27 -11.78
N VAL A 50 -9.41 58.09 -11.12
CA VAL A 50 -9.93 57.67 -9.82
C VAL A 50 -10.99 56.60 -10.01
N LEU A 51 -11.79 56.70 -11.08
CA LEU A 51 -12.81 55.69 -11.32
C LEU A 51 -12.15 54.32 -11.47
N VAL A 52 -11.12 54.26 -12.33
CA VAL A 52 -10.50 52.97 -12.58
C VAL A 52 -9.73 52.52 -11.35
N THR A 53 -9.09 53.45 -10.63
CA THR A 53 -8.38 53.03 -9.44
C THR A 53 -9.34 52.36 -8.47
N ALA A 54 -10.52 52.97 -8.27
CA ALA A 54 -11.51 52.38 -7.38
C ALA A 54 -11.92 51.00 -7.86
N ILE A 55 -12.02 50.85 -9.19
CA ILE A 55 -12.40 49.57 -9.75
C ILE A 55 -11.32 48.53 -9.45
N TYR A 56 -10.06 48.90 -9.65
CA TYR A 56 -8.98 47.95 -9.42
C TYR A 56 -8.91 47.61 -7.94
N LEU A 57 -9.16 48.57 -7.06
CA LEU A 57 -9.09 48.27 -5.63
C LEU A 57 -10.18 47.28 -5.26
N ALA A 58 -11.38 47.46 -5.82
CA ALA A 58 -12.44 46.51 -5.53
C ALA A 58 -12.07 45.14 -6.05
N LEU A 59 -11.50 45.08 -7.25
CA LEU A 59 -11.15 43.79 -7.82
C LEU A 59 -10.07 43.14 -6.97
N PHE A 60 -9.13 43.97 -6.50
CA PHE A 60 -8.01 43.46 -5.73
C PHE A 60 -8.50 42.78 -4.47
N VAL A 61 -9.37 43.46 -3.72
CA VAL A 61 -9.81 42.88 -2.46
C VAL A 61 -10.73 41.70 -2.69
N VAL A 62 -11.59 41.77 -3.73
CA VAL A 62 -12.51 40.66 -3.96
C VAL A 62 -11.73 39.42 -4.39
N GLY A 63 -10.81 39.58 -5.34
CA GLY A 63 -10.05 38.45 -5.81
C GLY A 63 -9.14 37.90 -4.73
N THR A 64 -8.56 38.78 -3.91
CA THR A 64 -7.67 38.32 -2.85
C THR A 64 -8.44 37.47 -1.87
N VAL A 65 -9.63 37.92 -1.46
CA VAL A 65 -10.39 37.14 -0.50
C VAL A 65 -10.86 35.84 -1.14
N GLY A 66 -11.38 35.92 -2.36
CA GLY A 66 -11.90 34.72 -3.00
C GLY A 66 -10.84 33.65 -3.16
N ASN A 67 -9.63 34.06 -3.56
CA ASN A 67 -8.59 33.07 -3.78
C ASN A 67 -7.99 32.59 -2.47
N SER A 68 -7.91 33.45 -1.46
CA SER A 68 -7.38 32.99 -0.19
C SER A 68 -8.31 31.94 0.39
N VAL A 69 -9.62 32.23 0.34
CA VAL A 69 -10.59 31.28 0.88
C VAL A 69 -10.54 29.99 0.10
N THR A 70 -10.49 30.07 -1.23
CA THR A 70 -10.43 28.86 -2.04
C THR A 70 -9.21 28.01 -1.68
N LEU A 71 -8.04 28.66 -1.55
CA LEU A 71 -6.82 27.93 -1.24
C LEU A 71 -6.90 27.29 0.14
N PHE A 72 -7.47 28.00 1.12
CA PHE A 72 -7.56 27.41 2.45
C PHE A 72 -8.59 26.29 2.47
N THR A 73 -9.66 26.41 1.69
CA THR A 73 -10.69 25.40 1.65
C THR A 73 -10.14 24.11 1.06
N LEU A 74 -9.39 24.22 -0.05
CA LEU A 74 -8.82 23.03 -0.66
C LEU A 74 -7.77 22.41 0.25
N ALA A 75 -6.98 23.24 0.93
CA ALA A 75 -5.95 22.75 1.82
C ALA A 75 -6.58 22.10 3.06
N SER A 85 -10.90 13.45 -6.99
CA SER A 85 -9.87 13.70 -5.98
C SER A 85 -8.77 14.59 -6.55
N THR A 86 -8.38 14.34 -7.80
CA THR A 86 -7.34 15.14 -8.43
C THR A 86 -7.83 16.53 -8.80
N VAL A 87 -9.15 16.73 -8.86
CA VAL A 87 -9.66 18.05 -9.22
C VAL A 87 -9.24 19.09 -8.20
N HIS A 88 -9.02 18.66 -6.96
CA HIS A 88 -8.71 19.63 -5.92
C HIS A 88 -7.29 20.13 -6.10
N TYR A 89 -6.47 19.38 -6.81
CA TYR A 89 -5.11 19.85 -7.02
C TYR A 89 -5.12 20.87 -8.15
N HIS A 90 -5.93 20.61 -9.18
CA HIS A 90 -5.95 21.55 -10.31
C HIS A 90 -6.61 22.85 -9.90
N LEU A 91 -7.67 22.76 -9.10
CA LEU A 91 -8.30 23.99 -8.67
C LEU A 91 -7.32 24.76 -7.81
N GLY A 92 -6.58 24.04 -6.98
CA GLY A 92 -5.62 24.73 -6.14
C GLY A 92 -4.60 25.43 -7.00
N SER A 93 -4.04 24.71 -7.98
CA SER A 93 -3.02 25.34 -8.78
C SER A 93 -3.58 26.59 -9.45
N LEU A 94 -4.79 26.48 -10.00
CA LEU A 94 -5.34 27.64 -10.67
C LEU A 94 -5.61 28.75 -9.68
N ALA A 95 -6.13 28.41 -8.50
CA ALA A 95 -6.41 29.45 -7.54
C ALA A 95 -5.11 30.16 -7.16
N LEU A 96 -4.02 29.39 -7.05
CA LEU A 96 -2.77 30.01 -6.69
C LEU A 96 -2.33 30.94 -7.79
N SER A 97 -2.47 30.49 -9.04
CA SER A 97 -2.06 31.33 -10.15
C SER A 97 -2.80 32.66 -10.09
N ASP A 98 -4.10 32.62 -9.81
CA ASP A 98 -4.83 33.88 -9.78
C ASP A 98 -4.35 34.74 -8.63
N LEU A 99 -4.04 34.12 -7.49
CA LEU A 99 -3.59 34.95 -6.39
C LEU A 99 -2.29 35.62 -6.76
N LEU A 100 -1.39 34.89 -7.43
CA LEU A 100 -0.12 35.50 -7.76
C LEU A 100 -0.34 36.65 -8.72
N ILE A 101 -1.22 36.48 -9.71
CA ILE A 101 -1.38 37.58 -10.66
C ILE A 101 -2.01 38.75 -9.93
N LEU A 102 -2.91 38.46 -8.99
CA LEU A 102 -3.54 39.57 -8.30
C LEU A 102 -2.52 40.28 -7.42
N LEU A 103 -1.68 39.52 -6.71
CA LEU A 103 -0.75 40.13 -5.76
C LEU A 103 0.53 40.65 -6.39
N LEU A 104 1.03 40.02 -7.45
CA LEU A 104 2.29 40.49 -8.01
C LEU A 104 2.14 41.65 -8.98
N ALA A 105 1.06 41.69 -9.77
CA ALA A 105 0.95 42.71 -10.80
C ALA A 105 -0.02 43.85 -10.51
N MET A 106 -1.06 43.67 -9.70
CA MET A 106 -2.07 44.71 -9.64
C MET A 106 -1.59 46.06 -9.14
N PRO A 107 -0.89 46.18 -8.00
CA PRO A 107 -0.58 47.53 -7.51
C PRO A 107 0.48 48.23 -8.34
N VAL A 108 1.31 47.47 -9.03
CA VAL A 108 2.43 48.07 -9.74
C VAL A 108 1.91 48.82 -10.94
N GLU A 109 1.02 48.19 -11.68
CA GLU A 109 0.51 48.81 -12.87
C GLU A 109 -0.21 50.10 -12.50
N LEU A 110 -0.95 50.06 -11.38
CA LEU A 110 -1.66 51.26 -11.00
C LEU A 110 -0.68 52.40 -10.82
N TYR A 111 0.40 52.16 -10.09
CA TYR A 111 1.36 53.22 -9.90
C TYR A 111 2.07 53.56 -11.20
N ASN A 112 2.63 52.54 -11.87
CA ASN A 112 3.49 52.80 -13.01
C ASN A 112 2.80 53.09 -14.33
N PHE A 113 1.61 52.54 -14.58
CA PHE A 113 0.99 52.75 -15.88
C PHE A 113 -0.32 53.52 -15.84
N ILE A 114 -0.99 53.59 -14.70
CA ILE A 114 -2.25 54.32 -14.60
C ILE A 114 -2.04 55.67 -13.95
N TRP A 115 -1.34 55.72 -12.80
CA TRP A 115 -1.14 56.97 -12.09
C TRP A 115 0.13 57.71 -12.51
N VAL A 116 1.28 57.07 -12.38
CA VAL A 116 2.56 57.69 -12.72
C VAL A 116 3.12 56.96 -13.94
N HIS A 117 2.97 57.57 -15.11
CA HIS A 117 3.34 56.91 -16.36
C HIS A 117 4.84 56.86 -16.59
N HIS A 118 5.59 57.84 -16.08
CA HIS A 118 7.03 57.90 -16.25
C HIS A 118 7.62 58.75 -15.14
N PRO A 119 8.88 58.50 -14.72
CA PRO A 119 9.77 57.39 -15.11
C PRO A 119 9.33 56.10 -14.44
N TRP A 120 9.74 54.92 -14.93
CA TRP A 120 9.32 53.69 -14.28
C TRP A 120 10.02 53.61 -12.91
N ALA A 121 9.23 53.33 -11.87
CA ALA A 121 9.68 53.44 -10.48
C ALA A 121 10.91 52.59 -10.13
N PHE A 122 11.03 51.37 -10.64
CA PHE A 122 12.09 50.49 -10.15
C PHE A 122 13.17 50.19 -11.18
N GLY A 123 13.28 50.99 -12.23
CA GLY A 123 14.35 50.79 -13.20
C GLY A 123 14.23 49.54 -14.06
N ASP A 124 15.36 49.22 -14.71
CA ASP A 124 15.36 48.13 -15.69
C ASP A 124 15.24 46.76 -15.02
N ALA A 125 15.91 46.55 -13.89
CA ALA A 125 15.83 45.21 -13.29
C ALA A 125 14.41 44.92 -12.81
N GLY A 126 13.77 45.90 -12.19
CA GLY A 126 12.42 45.70 -11.75
C GLY A 126 11.50 45.56 -12.94
N CYS A 127 11.77 46.34 -13.99
CA CYS A 127 10.93 46.31 -15.17
C CYS A 127 10.88 44.90 -15.76
N ARG A 128 12.07 44.33 -15.99
CA ARG A 128 12.13 43.01 -16.58
C ARG A 128 11.54 41.97 -15.65
N GLY A 129 11.78 42.08 -14.35
CA GLY A 129 11.21 41.10 -13.45
C GLY A 129 9.70 41.15 -13.46
N TYR A 130 9.15 42.37 -13.46
CA TYR A 130 7.71 42.57 -13.47
C TYR A 130 7.07 41.92 -14.69
N TYR A 131 7.64 42.18 -15.88
CA TYR A 131 7.02 41.59 -17.07
C TYR A 131 7.21 40.08 -17.09
N PHE A 132 8.33 39.59 -16.58
CA PHE A 132 8.51 38.14 -16.52
C PHE A 132 7.42 37.52 -15.66
N LEU A 133 7.21 38.08 -14.48
CA LEU A 133 6.22 37.50 -13.58
C LEU A 133 4.84 37.58 -14.19
N ARG A 134 4.53 38.70 -14.86
CA ARG A 134 3.21 38.84 -15.45
C ARG A 134 2.94 37.76 -16.48
N ASP A 135 3.93 37.48 -17.33
CA ASP A 135 3.66 36.44 -18.34
C ASP A 135 3.70 35.05 -17.73
N ALA A 136 4.59 34.79 -16.77
CA ALA A 136 4.62 33.46 -16.19
C ALA A 136 3.29 33.15 -15.52
N CYS A 137 2.69 34.16 -14.88
CA CYS A 137 1.40 33.95 -14.23
C CYS A 137 0.29 33.81 -15.26
N THR A 138 0.31 34.61 -16.32
CA THR A 138 -0.74 34.49 -17.33
C THR A 138 -0.70 33.11 -17.98
N TYR A 139 0.51 32.63 -18.29
CA TYR A 139 0.61 31.32 -18.90
C TYR A 139 0.15 30.25 -17.93
N ALA A 140 0.51 30.39 -16.65
CA ALA A 140 0.07 29.40 -15.69
C ALA A 140 -1.44 29.35 -15.62
N THR A 141 -2.10 30.51 -15.69
CA THR A 141 -3.55 30.53 -15.67
C THR A 141 -4.12 29.81 -16.89
N ALA A 142 -3.60 30.14 -18.07
CA ALA A 142 -4.14 29.57 -19.30
C ALA A 142 -4.00 28.06 -19.30
N LEU A 143 -2.86 27.57 -18.81
CA LEU A 143 -2.61 26.14 -18.84
C LEU A 143 -3.33 25.42 -17.71
N ASN A 144 -3.58 26.08 -16.59
CA ASN A 144 -4.33 25.38 -15.57
C ASN A 144 -5.79 25.29 -15.94
N VAL A 145 -6.32 26.30 -16.65
CA VAL A 145 -7.71 26.22 -17.05
C VAL A 145 -7.88 25.12 -18.09
N ALA A 146 -6.96 25.08 -19.07
CA ALA A 146 -7.05 24.03 -20.07
C ALA A 146 -6.86 22.65 -19.45
N SER A 147 -5.96 22.55 -18.45
CA SER A 147 -5.72 21.26 -17.82
C SER A 147 -6.93 20.83 -17.01
N LEU A 148 -7.62 21.77 -16.38
CA LEU A 148 -8.81 21.40 -15.63
C LEU A 148 -9.88 20.88 -16.57
N SER A 149 -10.02 21.53 -17.73
CA SER A 149 -11.01 21.04 -18.69
C SER A 149 -10.65 19.65 -19.20
N VAL A 150 -9.36 19.39 -19.40
CA VAL A 150 -8.92 18.06 -19.85
C VAL A 150 -9.22 17.01 -18.78
N GLU A 151 -8.91 17.34 -17.53
CA GLU A 151 -9.19 16.40 -16.42
C GLU A 151 -10.69 16.10 -16.42
N ARG A 152 -11.52 17.14 -16.44
CA ARG A 152 -12.95 16.91 -16.31
C ARG A 152 -13.45 16.08 -17.49
N TYR A 153 -12.91 16.36 -18.67
CA TYR A 153 -13.29 15.60 -19.86
C TYR A 153 -13.01 14.13 -19.67
N LEU A 154 -11.80 13.80 -19.22
CA LEU A 154 -11.50 12.38 -19.05
C LEU A 154 -12.36 11.77 -17.94
N ALA A 155 -12.55 12.51 -16.84
CA ALA A 155 -13.32 12.00 -15.73
C ALA A 155 -14.76 11.66 -16.10
N ILE A 156 -15.37 12.43 -17.01
CA ILE A 156 -16.78 12.20 -17.38
C ILE A 156 -16.94 11.37 -18.65
N CYS A 157 -16.19 11.69 -19.70
CA CYS A 157 -16.39 11.02 -20.98
C CYS A 157 -15.67 9.68 -21.10
N HIS A 158 -14.63 9.44 -20.31
CA HIS A 158 -13.90 8.16 -20.36
C HIS A 158 -13.55 7.70 -18.96
N PRO A 159 -14.56 7.45 -18.12
CA PRO A 159 -14.28 7.24 -16.70
C PRO A 159 -13.47 5.99 -16.42
N PHE A 160 -13.52 4.99 -17.28
CA PHE A 160 -12.78 3.76 -17.02
C PHE A 160 -11.31 3.95 -17.34
N LYS A 161 -11.02 4.70 -18.41
CA LYS A 161 -9.63 4.92 -18.74
C LYS A 161 -9.03 5.93 -17.76
N ALA A 162 -9.83 6.94 -17.42
CA ALA A 162 -9.39 7.98 -16.51
C ALA A 162 -9.04 7.39 -15.15
N LYS A 163 -9.80 6.41 -14.68
CA LYS A 163 -9.51 5.80 -13.38
C LYS A 163 -8.11 5.23 -13.32
N THR A 164 -7.63 4.58 -14.39
CA THR A 164 -6.29 4.00 -14.38
C THR A 164 -5.21 4.92 -14.92
N LEU A 165 -5.56 5.95 -15.67
CA LEU A 165 -4.58 6.89 -16.21
C LEU A 165 -4.16 7.92 -15.16
N MET A 166 -5.12 8.36 -14.34
CA MET A 166 -4.86 9.39 -13.36
C MET A 166 -4.32 8.79 -12.07
N SER A 167 -3.41 9.52 -11.43
CA SER A 167 -2.87 9.16 -10.13
C SER A 167 -2.42 10.46 -9.46
N ARG A 168 -2.19 10.38 -8.15
CA ARG A 168 -1.72 11.57 -7.45
C ARG A 168 -0.33 11.98 -7.91
N SER A 169 0.53 11.00 -8.17
CA SER A 169 1.89 11.33 -8.60
C SER A 169 1.89 11.91 -10.00
N ARG A 170 1.01 11.40 -10.87
CA ARG A 170 0.95 11.94 -12.22
C ARG A 170 0.31 13.32 -12.20
N THR A 171 -0.67 13.52 -11.32
CA THR A 171 -1.30 14.83 -11.23
C THR A 171 -0.28 15.87 -10.81
N LYS A 172 0.52 15.54 -9.78
CA LYS A 172 1.52 16.48 -9.31
C LYS A 172 2.58 16.73 -10.38
N LYS A 173 3.01 15.68 -11.08
CA LYS A 173 4.03 15.86 -12.10
C LYS A 173 3.51 16.72 -13.24
N PHE A 174 2.26 16.49 -13.64
CA PHE A 174 1.66 17.29 -14.71
C PHE A 174 1.56 18.76 -14.29
N ILE A 175 1.06 19.01 -13.08
CA ILE A 175 0.90 20.39 -12.65
C ILE A 175 2.25 21.08 -12.63
N SER A 176 3.28 20.40 -12.12
CA SER A 176 4.61 21.00 -12.15
C SER A 176 5.06 21.25 -13.58
N ALA A 177 4.75 20.31 -14.48
CA ALA A 177 5.13 20.42 -15.87
C ALA A 177 4.53 21.67 -16.51
N ILE A 178 3.29 22.00 -16.13
CA ILE A 178 2.68 23.18 -16.70
C ILE A 178 3.21 24.45 -16.04
N TRP A 179 3.54 24.41 -14.75
CA TRP A 179 4.16 25.58 -14.14
C TRP A 179 5.48 25.89 -14.83
N LEU A 180 6.25 24.84 -15.12
CA LEU A 180 7.54 25.02 -15.77
C LEU A 180 7.34 25.55 -17.19
N ALA A 181 6.41 24.95 -17.94
CA ALA A 181 6.18 25.42 -19.30
C ALA A 181 5.76 26.88 -19.28
N SER A 182 4.98 27.26 -18.26
CA SER A 182 4.49 28.64 -18.16
C SER A 182 5.65 29.61 -17.97
N ALA A 183 6.62 29.24 -17.14
CA ALA A 183 7.78 30.11 -16.97
C ALA A 183 8.63 30.12 -18.23
N LEU A 184 8.77 28.96 -18.88
CA LEU A 184 9.63 28.91 -20.05
C LEU A 184 9.06 29.79 -21.15
N LEU A 185 7.73 29.80 -21.29
CA LEU A 185 7.15 30.62 -22.33
C LEU A 185 7.26 32.10 -21.97
N ALA A 186 7.53 32.42 -20.70
CA ALA A 186 7.63 33.81 -20.26
C ALA A 186 9.07 34.31 -20.29
N ILE A 187 10.02 33.42 -20.58
CA ILE A 187 11.43 33.83 -20.57
C ILE A 187 11.70 34.99 -21.53
N PRO A 188 11.18 34.99 -22.77
CA PRO A 188 11.49 36.08 -23.72
C PRO A 188 11.27 37.52 -23.24
N MET A 189 10.40 37.72 -22.25
CA MET A 189 10.17 39.08 -21.79
C MET A 189 11.41 39.70 -21.16
N LEU A 190 12.33 38.88 -20.65
CA LEU A 190 13.49 39.46 -19.98
C LEU A 190 14.39 40.19 -20.96
N PHE A 191 14.36 39.83 -22.26
CA PHE A 191 15.16 40.55 -23.24
C PHE A 191 14.33 41.42 -24.16
N THR A 192 13.03 41.16 -24.26
CA THR A 192 12.20 41.97 -25.16
C THR A 192 12.08 43.39 -24.64
N MET A 193 11.89 43.54 -23.34
CA MET A 193 11.64 44.82 -22.67
C MET A 193 12.89 45.38 -22.02
N GLY A 194 12.88 46.69 -21.83
CA GLY A 194 13.91 47.33 -21.03
C GLY A 194 13.58 48.80 -20.79
N LEU A 195 14.46 49.43 -20.00
CA LEU A 195 14.27 50.80 -19.53
C LEU A 195 14.82 51.81 -20.53
N GLN A 196 14.12 51.92 -21.65
CA GLN A 196 14.53 52.85 -22.68
C GLN A 196 14.36 54.28 -22.17
N ASN A 197 15.32 55.15 -22.47
CA ASN A 197 15.19 56.55 -22.09
C ASN A 197 14.67 57.32 -23.31
N ARG A 198 13.42 57.78 -23.23
CA ARG A 198 12.76 58.47 -24.34
C ARG A 198 12.74 59.97 -24.04
N SER A 199 13.50 60.74 -24.80
CA SER A 199 13.56 62.18 -24.55
C SER A 199 14.02 62.88 -25.83
N ALA A 200 13.96 64.22 -25.80
CA ALA A 200 14.49 65.00 -26.91
C ALA A 200 16.00 64.88 -26.96
N ASP A 201 16.62 64.78 -25.80
CA ASP A 201 18.05 64.63 -25.64
C ASP A 201 18.35 63.15 -25.36
N GLY A 202 19.63 62.83 -25.18
CA GLY A 202 19.97 61.44 -24.87
C GLY A 202 19.39 60.97 -23.55
N THR A 203 19.38 61.84 -22.53
CA THR A 203 18.85 61.47 -21.23
C THR A 203 18.04 62.62 -20.64
N HIS A 204 17.18 62.27 -19.69
CA HIS A 204 16.45 63.23 -18.87
C HIS A 204 15.97 62.46 -17.65
N PRO A 205 15.98 63.05 -16.46
CA PRO A 205 15.48 62.31 -15.28
C PRO A 205 14.12 61.64 -15.45
N GLY A 206 13.21 62.20 -16.24
CA GLY A 206 11.90 61.62 -16.45
C GLY A 206 11.74 60.77 -17.69
N GLY A 207 12.80 60.49 -18.42
CA GLY A 207 12.71 59.80 -19.69
C GLY A 207 12.83 58.29 -19.65
N LEU A 208 13.03 57.69 -18.48
CA LEU A 208 13.22 56.25 -18.37
C LEU A 208 11.88 55.54 -18.24
N VAL A 209 11.53 54.75 -19.25
CA VAL A 209 10.26 54.05 -19.32
C VAL A 209 10.52 52.60 -19.73
N CYS A 210 9.54 51.75 -19.47
CA CYS A 210 9.58 50.37 -19.92
C CYS A 210 9.00 50.26 -21.31
N THR A 211 9.75 49.65 -22.22
CA THR A 211 9.28 49.47 -23.58
C THR A 211 10.11 48.37 -24.22
N PRO A 212 9.61 47.73 -25.27
CA PRO A 212 10.45 46.77 -25.98
C PRO A 212 11.73 47.48 -26.45
N ILE A 213 12.85 46.80 -26.30
CA ILE A 213 14.14 47.38 -26.69
C ILE A 213 14.80 46.56 -27.80
N VAL A 214 14.00 45.81 -28.55
CA VAL A 214 14.50 44.93 -29.59
C VAL A 214 13.86 45.34 -30.91
N ASP A 215 14.40 44.79 -32.00
CA ASP A 215 13.89 45.11 -33.32
C ASP A 215 12.39 44.88 -33.35
N THR A 216 11.65 45.79 -33.97
CA THR A 216 10.21 45.64 -33.96
C THR A 216 9.77 44.34 -34.64
N ALA A 217 10.59 43.79 -35.54
CA ALA A 217 10.23 42.49 -36.09
C ALA A 217 10.25 41.44 -34.99
N THR A 218 11.19 41.60 -34.05
CA THR A 218 11.28 40.66 -32.95
C THR A 218 10.04 40.80 -32.08
N VAL A 219 9.62 42.05 -31.86
CA VAL A 219 8.47 42.30 -31.01
C VAL A 219 7.24 41.64 -31.64
N LYS A 220 7.09 41.79 -32.96
CA LYS A 220 5.95 41.19 -33.63
C LYS A 220 5.98 39.68 -33.51
N VAL A 221 7.16 39.06 -33.63
CA VAL A 221 7.23 37.61 -33.49
C VAL A 221 6.89 37.20 -32.06
N VAL A 222 7.44 37.90 -31.07
CA VAL A 222 7.22 37.54 -29.68
C VAL A 222 5.75 37.66 -29.32
N ILE A 223 5.10 38.73 -29.78
CA ILE A 223 3.69 38.88 -29.47
C ILE A 223 2.87 37.83 -30.19
N GLN A 224 3.25 37.45 -31.42
CA GLN A 224 2.48 36.44 -32.11
C GLN A 224 2.55 35.10 -31.39
N VAL A 225 3.74 34.77 -30.88
CA VAL A 225 3.90 33.51 -30.16
C VAL A 225 3.16 33.57 -28.83
N ASN A 226 3.29 34.68 -28.10
CA ASN A 226 2.60 34.78 -26.83
C ASN A 226 1.10 34.71 -27.03
N THR A 227 0.58 35.38 -28.04
CA THR A 227 -0.86 35.35 -28.27
C THR A 227 -1.34 33.96 -28.59
N PHE A 228 -0.62 33.26 -29.48
CA PHE A 228 -1.04 31.91 -29.86
C PHE A 228 -1.02 30.95 -28.68
N MET A 229 0.10 30.89 -27.95
CA MET A 229 0.19 29.93 -26.86
C MET A 229 -0.64 30.32 -25.64
N SER A 230 -0.79 31.61 -25.38
CA SER A 230 -1.51 32.06 -24.20
C SER A 230 -3.02 32.05 -24.38
N PHE A 231 -3.52 32.44 -25.55
CA PHE A 231 -4.96 32.59 -25.74
C PHE A 231 -5.56 31.60 -26.72
N LEU A 232 -5.11 31.55 -27.97
CA LEU A 232 -5.83 30.76 -28.96
C LEU A 232 -5.77 29.27 -28.68
N PHE A 233 -4.60 28.75 -28.29
CA PHE A 233 -4.50 27.33 -27.97
C PHE A 233 -5.39 26.93 -26.80
N PRO A 234 -5.23 27.53 -25.61
CA PRO A 234 -6.12 27.16 -24.51
C PRO A 234 -7.55 27.56 -24.78
N MET A 235 -7.79 28.59 -25.58
CA MET A 235 -9.17 28.94 -25.87
C MET A 235 -9.84 27.83 -26.67
N LEU A 236 -9.12 27.29 -27.64
CA LEU A 236 -9.70 26.26 -28.48
C LEU A 236 -9.89 24.96 -27.71
N VAL A 237 -8.92 24.58 -26.88
CA VAL A 237 -9.07 23.32 -26.16
C VAL A 237 -10.13 23.45 -25.07
N ILE A 238 -10.21 24.61 -24.42
CA ILE A 238 -11.24 24.80 -23.40
C ILE A 238 -12.61 24.79 -24.03
N SER A 239 -12.79 25.52 -25.13
CA SER A 239 -14.09 25.57 -25.78
C SER A 239 -14.53 24.20 -26.28
N ILE A 240 -13.63 23.45 -26.92
CA ILE A 240 -14.01 22.13 -27.45
C ILE A 240 -14.32 21.15 -26.33
N LEU A 241 -13.45 21.07 -25.31
CA LEU A 241 -13.71 20.07 -24.27
C LEU A 241 -14.92 20.44 -23.44
N ASN A 242 -15.13 21.74 -23.17
CA ASN A 242 -16.30 22.08 -22.39
C ASN A 242 -17.56 21.86 -23.21
N THR A 243 -17.49 22.06 -24.52
CA THR A 243 -18.66 21.79 -25.35
C THR A 243 -19.03 20.31 -25.29
N VAL A 244 -18.02 19.44 -25.39
CA VAL A 244 -18.30 18.00 -25.34
C VAL A 244 -18.83 17.60 -23.96
N ILE A 245 -18.24 18.12 -22.89
CA ILE A 245 -18.71 17.77 -21.55
C ILE A 245 -20.14 18.25 -21.37
N ALA A 246 -20.43 19.48 -21.80
CA ALA A 246 -21.78 20.01 -21.67
C ALA A 246 -22.78 19.15 -22.44
N ASN A 247 -22.39 18.69 -23.63
CA ASN A 247 -23.30 17.83 -24.39
C ASN A 247 -23.52 16.50 -23.68
N LYS A 248 -22.47 15.97 -23.07
CA LYS A 248 -22.59 14.71 -22.34
C LYS A 248 -23.48 14.83 -21.12
N LEU A 249 -23.37 15.94 -20.40
CA LEU A 249 -24.19 16.14 -19.21
C LEU A 249 -25.60 16.59 -19.55
N THR A 250 -25.78 17.24 -20.69
CA THR A 250 -27.12 17.67 -21.08
C THR A 250 -28.03 16.47 -21.30
N VAL A 251 -27.53 15.44 -21.98
CA VAL A 251 -28.30 14.23 -22.21
C VAL A 251 -28.10 13.32 -21.02
N MET A 252 -28.71 13.67 -19.89
CA MET A 252 -28.52 12.95 -18.65
C MET A 252 -29.45 13.52 -17.59
N GLN A 286 -31.12 20.63 -10.81
CA GLN A 286 -30.14 19.85 -10.09
C GLN A 286 -28.75 20.43 -10.20
N ALA A 287 -27.80 19.78 -9.52
CA ALA A 287 -26.40 20.21 -9.58
C ALA A 287 -25.86 20.16 -11.00
N LEU A 288 -26.33 19.24 -11.84
CA LEU A 288 -25.81 19.18 -13.19
C LEU A 288 -26.34 20.30 -14.07
N ARG A 289 -27.46 20.91 -13.71
CA ARG A 289 -27.91 22.06 -14.50
C ARG A 289 -26.93 23.20 -14.29
N HIS A 290 -26.50 23.39 -13.04
CA HIS A 290 -25.55 24.44 -12.75
C HIS A 290 -24.21 24.08 -13.39
N GLY A 291 -23.88 22.79 -13.39
CA GLY A 291 -22.65 22.35 -14.01
C GLY A 291 -22.58 22.75 -15.47
N VAL A 292 -23.61 22.41 -16.23
CA VAL A 292 -23.60 22.72 -17.67
C VAL A 292 -23.60 24.23 -17.88
N LEU A 293 -24.43 24.95 -17.13
CA LEU A 293 -24.49 26.39 -17.33
C LEU A 293 -23.15 27.03 -17.01
N VAL A 294 -22.48 26.54 -15.96
CA VAL A 294 -21.19 27.08 -15.59
C VAL A 294 -20.12 26.74 -16.62
N LEU A 295 -20.11 25.52 -17.16
CA LEU A 295 -19.09 25.26 -18.18
C LEU A 295 -19.25 26.23 -19.34
N ARG A 296 -20.51 26.50 -19.73
CA ARG A 296 -20.70 27.45 -20.82
C ARG A 296 -20.26 28.84 -20.38
N ALA A 297 -20.58 29.20 -19.14
CA ALA A 297 -20.19 30.50 -18.61
C ALA A 297 -18.68 30.65 -18.57
N VAL A 298 -17.97 29.57 -18.26
CA VAL A 298 -16.51 29.65 -18.20
C VAL A 298 -15.97 29.95 -19.59
N VAL A 299 -16.51 29.28 -20.61
CA VAL A 299 -15.96 29.53 -21.95
C VAL A 299 -16.24 30.99 -22.33
N ILE A 300 -17.45 31.46 -22.05
CA ILE A 300 -17.80 32.82 -22.42
C ILE A 300 -16.96 33.83 -21.64
N ALA A 301 -16.85 33.65 -20.32
CA ALA A 301 -16.11 34.58 -19.50
C ALA A 301 -14.64 34.62 -19.91
N PHE A 302 -14.09 33.46 -20.27
CA PHE A 302 -12.69 33.41 -20.67
C PHE A 302 -12.48 34.23 -21.92
N VAL A 303 -13.38 34.08 -22.90
CA VAL A 303 -13.25 34.87 -24.12
C VAL A 303 -13.41 36.35 -23.81
N VAL A 304 -14.42 36.70 -23.02
CA VAL A 304 -14.73 38.10 -22.74
C VAL A 304 -13.59 38.78 -22.01
N CYS A 305 -13.00 38.12 -21.02
CA CYS A 305 -11.92 38.75 -20.28
C CYS A 305 -10.60 38.77 -21.04
N TRP A 306 -10.18 37.65 -21.61
CA TRP A 306 -8.84 37.63 -22.17
C TRP A 306 -8.72 38.21 -23.58
N LEU A 307 -9.77 38.21 -24.40
CA LEU A 307 -9.56 38.68 -25.77
C LEU A 307 -9.07 40.13 -25.83
N PRO A 308 -9.70 41.09 -25.17
CA PRO A 308 -9.24 42.48 -25.28
C PRO A 308 -7.78 42.71 -24.94
N TYR A 309 -7.22 41.96 -23.98
CA TYR A 309 -5.82 42.18 -23.61
C TYR A 309 -4.89 41.85 -24.77
N HIS A 310 -5.08 40.70 -25.38
CA HIS A 310 -4.19 40.30 -26.44
C HIS A 310 -4.45 41.15 -27.65
N VAL A 311 -5.69 41.60 -27.83
CA VAL A 311 -5.96 42.46 -28.98
C VAL A 311 -5.20 43.75 -28.81
N ARG A 312 -5.22 44.32 -27.61
CA ARG A 312 -4.49 45.57 -27.38
C ARG A 312 -3.01 45.38 -27.66
N ARG A 313 -2.43 44.28 -27.19
CA ARG A 313 -1.01 44.08 -27.40
C ARG A 313 -0.68 43.94 -28.88
N LEU A 314 -1.56 43.26 -29.63
CA LEU A 314 -1.30 43.18 -31.06
C LEU A 314 -1.41 44.55 -31.71
N MET A 315 -2.39 45.35 -31.29
CA MET A 315 -2.50 46.69 -31.89
C MET A 315 -1.24 47.48 -31.61
N PHE A 316 -0.70 47.33 -30.40
CA PHE A 316 0.55 48.00 -30.04
C PHE A 316 1.64 47.62 -31.02
N CYS A 317 1.79 46.32 -31.25
CA CYS A 317 2.87 45.81 -32.08
C CYS A 317 2.70 46.06 -33.58
N TYR A 318 1.47 46.24 -34.08
CA TYR A 318 1.27 46.38 -35.53
C TYR A 318 0.75 47.73 -36.02
N ILE A 319 0.47 48.69 -35.15
CA ILE A 319 0.06 50.00 -35.65
C ILE A 319 1.33 50.78 -35.98
N SER A 320 1.45 51.19 -37.24
CA SER A 320 2.65 51.85 -37.74
C SER A 320 2.69 53.31 -37.33
N ASP A 321 3.89 53.91 -37.46
CA ASP A 321 4.09 55.28 -37.02
C ASP A 321 3.15 56.25 -37.70
N GLU A 322 2.92 56.05 -39.01
CA GLU A 322 2.07 56.98 -39.76
C GLU A 322 0.59 56.83 -39.45
N GLN A 323 0.19 55.79 -38.74
CA GLN A 323 -1.20 55.57 -38.41
C GLN A 323 -1.59 56.12 -37.05
N TRP A 324 -0.64 56.61 -36.26
CA TRP A 324 -0.93 57.10 -34.93
C TRP A 324 -1.35 58.57 -34.95
N THR A 325 -2.40 58.88 -34.21
CA THR A 325 -2.94 60.22 -34.08
C THR A 325 -3.18 60.51 -32.60
N THR A 326 -3.46 61.78 -32.29
CA THR A 326 -3.73 62.13 -30.90
C THR A 326 -4.95 61.38 -30.40
N PHE A 327 -5.99 61.32 -31.22
CA PHE A 327 -7.19 60.59 -30.83
C PHE A 327 -6.81 59.15 -30.53
N LEU A 328 -6.07 58.52 -31.43
CA LEU A 328 -5.76 57.11 -31.26
C LEU A 328 -4.93 56.92 -30.01
N PHE A 329 -4.04 57.86 -29.72
CA PHE A 329 -3.19 57.76 -28.53
C PHE A 329 -4.05 57.73 -27.26
N ASP A 330 -4.97 58.68 -27.14
CA ASP A 330 -5.77 58.72 -25.92
C ASP A 330 -6.69 57.52 -25.88
N PHE A 331 -7.20 57.10 -27.04
CA PHE A 331 -8.05 55.94 -27.09
C PHE A 331 -7.29 54.74 -26.55
N TYR A 332 -6.08 54.54 -27.06
CA TYR A 332 -5.25 53.42 -26.65
C TYR A 332 -5.11 53.39 -25.14
N HIS A 333 -4.80 54.53 -24.53
CA HIS A 333 -4.61 54.54 -23.09
C HIS A 333 -5.89 54.19 -22.35
N TYR A 334 -7.02 54.78 -22.73
CA TYR A 334 -8.25 54.49 -21.99
C TYR A 334 -8.63 53.03 -22.20
N PHE A 335 -8.44 52.54 -23.42
CA PHE A 335 -8.75 51.17 -23.75
C PHE A 335 -7.94 50.27 -22.84
N TYR A 336 -6.64 50.53 -22.77
CA TYR A 336 -5.75 49.77 -21.89
C TYR A 336 -6.31 49.70 -20.49
N MET A 337 -6.77 50.84 -19.96
CA MET A 337 -7.27 50.83 -18.59
C MET A 337 -8.45 49.88 -18.45
N LEU A 338 -9.31 49.83 -19.47
CA LEU A 338 -10.46 48.94 -19.38
C LEU A 338 -10.04 47.49 -19.56
N THR A 339 -9.13 47.24 -20.50
CA THR A 339 -8.76 45.86 -20.78
C THR A 339 -8.07 45.26 -19.56
N ASN A 340 -7.29 46.06 -18.85
CA ASN A 340 -6.66 45.50 -17.66
C ASN A 340 -7.69 45.30 -16.57
N ALA A 341 -8.71 46.17 -16.49
CA ALA A 341 -9.71 45.92 -15.47
C ALA A 341 -10.34 44.56 -15.72
N LEU A 342 -10.59 44.25 -17.00
CA LEU A 342 -11.16 42.95 -17.33
C LEU A 342 -10.19 41.82 -17.02
N PHE A 343 -8.89 42.08 -17.25
CA PHE A 343 -7.91 41.04 -17.03
C PHE A 343 -7.91 40.62 -15.57
N TYR A 344 -7.91 41.58 -14.67
CA TYR A 344 -7.90 41.23 -13.26
C TYR A 344 -9.26 40.69 -12.84
N ALA A 345 -10.32 41.14 -13.51
CA ALA A 345 -11.64 40.61 -13.20
C ALA A 345 -11.71 39.11 -13.44
N SER A 346 -11.03 38.62 -14.48
CA SER A 346 -11.10 37.18 -14.76
C SER A 346 -10.65 36.36 -13.56
N SER A 347 -9.51 36.74 -12.99
CA SER A 347 -8.99 36.03 -11.83
C SER A 347 -9.86 36.22 -10.61
N ALA A 348 -10.45 37.41 -10.46
CA ALA A 348 -11.35 37.60 -9.33
C ALA A 348 -12.61 36.75 -9.47
N ILE A 349 -13.00 36.41 -10.71
CA ILE A 349 -14.28 35.66 -10.95
C ILE A 349 -14.16 34.16 -10.64
N ASN A 350 -13.00 33.53 -10.86
CA ASN A 350 -12.85 32.07 -10.75
C ASN A 350 -13.13 31.56 -9.32
N PRO A 351 -12.70 32.24 -8.25
CA PRO A 351 -12.89 31.71 -6.90
C PRO A 351 -14.40 31.61 -6.69
N ILE A 352 -15.16 32.59 -7.17
CA ILE A 352 -16.65 32.60 -7.04
C ILE A 352 -17.22 31.39 -7.76
N LEU A 353 -16.73 31.10 -8.97
CA LEU A 353 -17.28 29.99 -9.79
C LEU A 353 -17.13 28.67 -9.04
N TYR A 354 -15.99 28.46 -8.38
CA TYR A 354 -15.75 27.20 -7.65
C TYR A 354 -16.81 27.09 -6.55
N ASN A 355 -17.11 28.21 -5.90
CA ASN A 355 -18.17 28.21 -4.84
C ASN A 355 -19.54 28.08 -5.51
N LEU A 356 -19.94 28.94 -6.44
CA LEU A 356 -21.35 28.83 -6.92
C LEU A 356 -21.78 27.36 -7.10
N VAL A 357 -21.14 26.61 -8.00
CA VAL A 357 -21.59 25.21 -8.30
C VAL A 357 -21.46 24.25 -7.11
N SER A 358 -20.37 24.33 -6.32
CA SER A 358 -20.12 23.32 -5.25
C SER A 358 -21.18 23.29 -4.15
N ALA A 359 -21.59 22.08 -3.71
CA ALA A 359 -22.49 21.98 -2.57
C ALA A 359 -21.88 22.65 -1.35
N ASN A 360 -20.56 22.53 -1.23
CA ASN A 360 -19.85 23.15 -0.08
C ASN A 360 -19.60 24.61 -0.44
N ARG B 1 1.33 59.61 -30.75
CA ARG B 1 2.76 59.62 -30.43
C ARG B 1 3.32 58.21 -30.31
N ARG B 2 2.52 57.21 -30.69
CA ARG B 2 2.95 55.82 -30.60
C ARG B 2 3.19 55.18 -29.24
N PRO B 3 2.17 54.98 -28.43
CA PRO B 3 2.31 54.74 -26.99
C PRO B 3 3.44 53.75 -26.76
N TYR B 4 4.14 53.95 -25.65
CA TYR B 4 5.31 53.16 -25.27
C TYR B 4 5.00 52.03 -24.29
N ILE B 5 3.81 51.99 -23.72
CA ILE B 5 3.48 51.00 -22.70
C ILE B 5 2.95 49.74 -23.36
N LEU B 6 3.60 48.62 -23.08
CA LEU B 6 3.19 47.32 -23.61
C LEU B 6 2.52 46.50 -22.52
N GLU C 21 -36.18 -35.61 31.15
CA GLU C 21 -35.00 -35.13 31.86
C GLU C 21 -34.51 -33.79 31.32
N LEU C 22 -35.17 -33.30 30.26
CA LEU C 22 -34.70 -32.08 29.62
C LEU C 22 -34.79 -30.90 30.57
N ASP C 23 -35.89 -30.82 31.33
CA ASP C 23 -36.04 -29.71 32.25
C ASP C 23 -35.09 -29.87 33.42
N GLN C 24 -34.82 -31.11 33.82
CA GLN C 24 -33.93 -31.34 34.94
C GLN C 24 -32.51 -30.96 34.56
N LEU C 25 -32.12 -31.26 33.32
CA LEU C 25 -30.79 -30.89 32.86
C LEU C 25 -30.69 -29.38 32.71
N ARG C 26 -31.75 -28.72 32.26
CA ARG C 26 -31.72 -27.26 32.16
C ARG C 26 -31.59 -26.63 33.55
N GLN C 27 -32.30 -27.18 34.53
CA GLN C 27 -32.21 -26.63 35.88
C GLN C 27 -30.83 -26.90 36.46
N GLU C 28 -30.26 -28.07 36.16
CA GLU C 28 -28.93 -28.37 36.68
C GLU C 28 -27.92 -27.40 36.08
N ALA C 29 -28.05 -27.12 34.78
CA ALA C 29 -27.12 -26.20 34.14
C ALA C 29 -27.23 -24.82 34.77
N GLU C 30 -28.45 -24.38 35.09
CA GLU C 30 -28.61 -23.06 35.71
C GLU C 30 -28.03 -23.05 37.11
N GLN C 31 -28.19 -24.16 37.84
CA GLN C 31 -27.64 -24.23 39.19
C GLN C 31 -26.12 -24.21 39.13
N LEU C 32 -25.54 -24.87 38.13
CA LEU C 32 -24.09 -24.86 37.99
C LEU C 32 -23.60 -23.46 37.63
N LYS C 33 -24.34 -22.75 36.78
CA LYS C 33 -23.95 -21.38 36.45
C LYS C 33 -23.97 -20.52 37.70
N ASN C 34 -24.98 -20.71 38.55
CA ASN C 34 -25.05 -19.92 39.78
C ASN C 34 -23.91 -20.29 40.72
N GLN C 35 -23.56 -21.57 40.80
CA GLN C 35 -22.46 -22.00 41.65
C GLN C 35 -21.15 -21.36 41.18
N ILE C 36 -20.94 -21.33 39.86
CA ILE C 36 -19.72 -20.75 39.34
C ILE C 36 -19.69 -19.26 39.63
N ARG C 37 -20.80 -18.57 39.42
CA ARG C 37 -20.83 -17.13 39.71
C ARG C 37 -20.53 -16.86 41.16
N ASP C 38 -21.11 -17.67 42.07
CA ASP C 38 -20.86 -17.44 43.49
C ASP C 38 -19.40 -17.72 43.84
N ALA C 39 -18.80 -18.73 43.21
CA ALA C 39 -17.40 -19.02 43.47
C ALA C 39 -16.54 -17.86 43.01
N ARG C 40 -16.88 -17.26 41.86
CA ARG C 40 -16.10 -16.13 41.37
C ARG C 40 -16.25 -14.93 42.29
N LYS C 41 -17.46 -14.70 42.81
CA LYS C 41 -17.68 -13.59 43.72
C LYS C 41 -16.93 -13.78 45.03
N ALA C 42 -16.90 -15.01 45.56
CA ALA C 42 -16.22 -15.24 46.83
C ALA C 42 -14.74 -14.86 46.78
N CYS C 43 -14.10 -15.07 45.63
CA CYS C 43 -12.68 -14.78 45.50
C CYS C 43 -12.38 -13.30 45.29
N ALA C 44 -13.40 -12.47 45.06
CA ALA C 44 -13.20 -11.07 44.72
C ALA C 44 -13.04 -10.23 46.00
N ASP C 45 -11.90 -10.45 46.67
CA ASP C 45 -11.65 -9.73 47.92
C ASP C 45 -11.34 -8.27 47.64
N ALA C 46 -10.67 -7.98 46.53
CA ALA C 46 -10.27 -6.63 46.14
C ALA C 46 -10.07 -6.67 44.64
N THR C 47 -10.14 -5.50 44.01
CA THR C 47 -9.85 -5.43 42.58
C THR C 47 -8.47 -4.84 42.33
N LEU C 48 -8.08 -4.87 41.07
CA LEU C 48 -6.75 -4.43 40.68
C LEU C 48 -6.57 -2.94 40.94
N SER C 49 -7.61 -2.16 40.66
CA SER C 49 -7.51 -0.71 40.83
C SER C 49 -7.38 -0.28 42.29
N GLN C 50 -7.65 -1.15 43.24
CA GLN C 50 -7.52 -0.80 44.66
C GLN C 50 -6.16 -1.20 45.20
N ILE C 51 -5.36 -1.92 44.42
CA ILE C 51 -4.07 -2.42 44.84
C ILE C 51 -2.94 -1.61 44.21
N THR C 52 -3.09 -1.27 42.93
CA THR C 52 -2.07 -0.58 42.15
C THR C 52 -2.20 0.93 42.22
N ASN C 53 -3.12 1.45 43.04
CA ASN C 53 -3.32 2.89 43.10
C ASN C 53 -2.14 3.61 43.74
N ASN C 54 -1.25 2.88 44.40
CA ASN C 54 -0.09 3.45 45.07
C ASN C 54 1.18 3.35 44.25
N ILE C 55 1.08 2.94 42.98
CA ILE C 55 2.23 2.78 42.11
C ILE C 55 2.33 4.00 41.20
N ASP C 56 3.54 4.53 41.08
CA ASP C 56 3.75 5.70 40.25
C ASP C 56 3.25 5.44 38.83
N PRO C 57 2.57 6.41 38.20
CA PRO C 57 2.11 6.20 36.84
C PRO C 57 3.29 6.16 35.88
N VAL C 58 3.08 5.51 34.74
CA VAL C 58 4.11 5.45 33.73
C VAL C 58 4.35 6.80 33.08
N GLY C 59 3.39 7.71 33.16
CA GLY C 59 3.55 9.00 32.57
C GLY C 59 3.11 8.96 31.12
N ARG C 60 3.37 10.05 30.40
CA ARG C 60 2.95 10.11 29.02
C ARG C 60 4.01 9.42 28.17
N ILE C 61 3.58 8.50 27.32
CA ILE C 61 4.47 7.75 26.45
C ILE C 61 4.30 8.30 25.04
N GLN C 62 5.34 8.94 24.52
CA GLN C 62 5.30 9.56 23.21
C GLN C 62 6.22 8.77 22.30
N MET C 63 5.63 8.04 21.37
CA MET C 63 6.37 7.23 20.42
C MET C 63 6.28 7.91 19.06
N ARG C 64 7.26 7.65 18.22
CA ARG C 64 7.29 8.23 16.89
C ARG C 64 7.48 7.09 15.90
N THR C 65 7.07 7.32 14.66
CA THR C 65 7.32 6.32 13.65
C THR C 65 8.80 6.38 13.28
N ARG C 66 9.41 5.21 13.13
CA ARG C 66 10.79 5.09 12.71
C ARG C 66 10.90 4.48 11.33
N ARG C 67 9.92 3.68 10.93
CA ARG C 67 9.92 3.08 9.61
C ARG C 67 8.50 3.11 9.09
N THR C 68 8.36 3.29 7.79
CA THR C 68 7.08 3.13 7.12
C THR C 68 7.32 2.11 6.02
N LEU C 69 6.47 1.09 5.96
CA LEU C 69 6.62 0.03 4.98
C LEU C 69 5.56 0.21 3.91
N ARG C 70 5.99 0.47 2.69
CA ARG C 70 5.09 0.74 1.58
C ARG C 70 5.19 -0.39 0.57
N GLY C 71 4.08 -0.67 -0.10
CA GLY C 71 4.09 -1.69 -1.11
C GLY C 71 2.76 -2.35 -1.35
N HIS C 72 1.93 -2.50 -0.32
CA HIS C 72 0.62 -3.09 -0.54
C HIS C 72 -0.27 -2.11 -1.29
N LEU C 73 -1.12 -2.65 -2.14
CA LEU C 73 -2.07 -1.84 -2.92
C LEU C 73 -3.50 -2.03 -2.45
N ALA C 74 -3.69 -2.60 -1.27
CA ALA C 74 -5.04 -2.89 -0.77
C ALA C 74 -4.98 -2.95 0.75
N LYS C 75 -6.16 -3.08 1.34
CA LYS C 75 -6.26 -3.19 2.79
C LYS C 75 -5.36 -4.30 3.33
N ILE C 76 -4.65 -3.99 4.40
CA ILE C 76 -3.80 -4.98 5.06
C ILE C 76 -4.63 -5.58 6.19
N TYR C 77 -4.81 -6.90 6.16
CA TYR C 77 -5.62 -7.58 7.17
C TYR C 77 -4.82 -8.21 8.29
N ALA C 78 -3.59 -8.64 8.04
CA ALA C 78 -2.83 -9.35 9.07
C ALA C 78 -1.36 -9.01 8.97
N MET C 79 -0.69 -9.12 10.10
CA MET C 79 0.72 -8.86 10.24
C MET C 79 1.24 -9.72 11.38
N HIS C 80 2.45 -10.27 11.23
CA HIS C 80 3.03 -11.06 12.31
C HIS C 80 4.55 -10.95 12.32
N TRP C 81 5.11 -10.75 13.50
CA TRP C 81 6.55 -10.67 13.68
C TRP C 81 7.17 -12.06 13.77
N GLY C 82 8.38 -12.19 13.23
CA GLY C 82 9.14 -13.40 13.38
C GLY C 82 9.80 -13.42 14.74
N THR C 83 10.51 -14.50 15.02
CA THR C 83 11.11 -14.64 16.34
C THR C 83 12.46 -13.92 16.46
N ASP C 84 12.99 -13.40 15.37
CA ASP C 84 14.25 -12.67 15.41
C ASP C 84 14.04 -11.17 15.61
N SER C 85 12.80 -10.74 15.77
CA SER C 85 12.47 -9.33 15.97
C SER C 85 12.98 -8.45 14.83
N ARG C 86 13.14 -9.02 13.64
CA ARG C 86 13.60 -8.23 12.51
C ARG C 86 12.76 -8.42 11.27
N LEU C 87 12.34 -9.64 10.96
CA LEU C 87 11.50 -9.86 9.79
C LEU C 87 10.04 -9.96 10.22
N LEU C 88 9.15 -9.49 9.35
CA LEU C 88 7.71 -9.61 9.60
C LEU C 88 6.98 -9.96 8.32
N VAL C 89 5.84 -10.62 8.46
CA VAL C 89 4.99 -11.01 7.33
C VAL C 89 3.67 -10.26 7.43
N SER C 90 3.19 -9.79 6.28
CA SER C 90 1.92 -9.10 6.21
C SER C 90 1.13 -9.65 5.03
N ALA C 91 -0.19 -9.54 5.10
CA ALA C 91 -1.08 -10.04 4.06
C ALA C 91 -2.11 -8.99 3.73
N SER C 92 -2.47 -8.90 2.44
CA SER C 92 -3.45 -7.90 2.05
C SER C 92 -4.42 -8.46 1.04
N GLN C 93 -5.41 -7.64 0.69
CA GLN C 93 -6.48 -8.04 -0.22
C GLN C 93 -6.09 -7.90 -1.68
N ASP C 94 -4.85 -7.53 -1.95
CA ASP C 94 -4.35 -7.44 -3.31
C ASP C 94 -3.81 -8.78 -3.78
N GLY C 95 -3.89 -9.80 -2.94
CA GLY C 95 -3.45 -11.13 -3.28
C GLY C 95 -2.02 -11.41 -2.92
N LYS C 96 -1.34 -10.50 -2.23
CA LYS C 96 0.05 -10.73 -1.85
C LYS C 96 0.24 -10.88 -0.34
N LEU C 97 1.21 -11.74 -0.02
CA LEU C 97 1.75 -11.96 1.30
C LEU C 97 3.21 -11.53 1.21
N ILE C 98 3.62 -10.50 1.95
CA ILE C 98 4.96 -9.95 1.80
C ILE C 98 5.75 -10.10 3.10
N ILE C 99 7.00 -10.57 2.96
CA ILE C 99 7.94 -10.70 4.07
C ILE C 99 8.93 -9.55 3.97
N TRP C 100 8.96 -8.73 5.02
CA TRP C 100 9.70 -7.49 5.16
C TRP C 100 10.89 -7.63 6.11
N ASP C 101 11.96 -6.91 5.78
CA ASP C 101 13.12 -6.70 6.65
C ASP C 101 12.90 -5.34 7.32
N SER C 102 12.50 -5.37 8.59
CA SER C 102 12.09 -4.15 9.28
C SER C 102 13.23 -3.16 9.56
N TYR C 103 14.49 -3.58 9.47
CA TYR C 103 15.57 -2.65 9.79
C TYR C 103 15.93 -1.76 8.61
N THR C 104 15.81 -2.28 7.39
CA THR C 104 16.19 -1.57 6.19
C THR C 104 15.01 -1.24 5.32
N THR C 105 13.83 -1.75 5.65
CA THR C 105 12.61 -1.60 4.87
C THR C 105 12.79 -2.17 3.47
N ASN C 106 13.40 -3.35 3.42
CA ASN C 106 13.57 -4.08 2.17
C ASN C 106 12.50 -5.14 2.09
N LYS C 107 12.12 -5.49 0.89
CA LYS C 107 11.23 -6.62 0.70
C LYS C 107 12.09 -7.86 0.54
N VAL C 108 11.79 -8.89 1.32
CA VAL C 108 12.54 -10.12 1.28
C VAL C 108 11.83 -11.12 0.38
N HIS C 109 10.52 -11.28 0.58
CA HIS C 109 9.75 -12.18 -0.26
C HIS C 109 8.41 -11.54 -0.58
N ALA C 110 7.85 -11.92 -1.73
CA ALA C 110 6.48 -11.57 -2.08
C ALA C 110 5.85 -12.82 -2.65
N ILE C 111 4.80 -13.31 -1.98
CA ILE C 111 4.15 -14.58 -2.29
C ILE C 111 2.77 -14.28 -2.88
N PRO C 112 2.50 -14.66 -4.13
CA PRO C 112 1.15 -14.47 -4.66
C PRO C 112 0.24 -15.50 -4.01
N LEU C 113 -1.00 -15.12 -3.77
CA LEU C 113 -1.96 -16.05 -3.22
C LEU C 113 -2.98 -16.49 -4.27
N ARG C 114 -3.50 -17.70 -4.08
CA ARG C 114 -4.52 -18.25 -4.95
C ARG C 114 -5.87 -17.60 -4.71
N SER C 115 -6.03 -16.95 -3.56
CA SER C 115 -7.24 -16.24 -3.19
C SER C 115 -6.81 -14.99 -2.45
N SER C 116 -7.32 -13.84 -2.88
CA SER C 116 -6.95 -12.57 -2.28
C SER C 116 -7.70 -12.27 -0.99
N TRP C 117 -8.72 -13.06 -0.65
CA TRP C 117 -9.55 -12.76 0.51
C TRP C 117 -8.91 -13.35 1.75
N VAL C 118 -7.82 -12.71 2.19
CA VAL C 118 -7.00 -13.21 3.28
C VAL C 118 -7.34 -12.46 4.56
N MET C 119 -7.55 -13.19 5.65
CA MET C 119 -7.92 -12.67 6.95
C MET C 119 -6.77 -12.69 7.94
N THR C 120 -5.94 -13.72 7.91
CA THR C 120 -4.87 -13.91 8.88
C THR C 120 -3.60 -14.37 8.20
N CYS C 121 -2.50 -14.25 8.93
CA CYS C 121 -1.22 -14.80 8.51
C CYS C 121 -0.43 -15.13 9.77
N ALA C 122 0.62 -15.93 9.59
CA ALA C 122 1.47 -16.31 10.72
C ALA C 122 2.88 -16.55 10.22
N TYR C 123 3.84 -16.46 11.14
CA TYR C 123 5.24 -16.65 10.84
C TYR C 123 5.78 -17.70 11.80
N ALA C 124 6.18 -18.85 11.27
CA ALA C 124 6.63 -19.95 12.12
C ALA C 124 7.76 -19.48 13.01
N PRO C 125 7.84 -19.99 14.25
CA PRO C 125 8.90 -19.55 15.15
C PRO C 125 10.30 -19.87 14.66
N SER C 126 10.44 -20.81 13.74
CA SER C 126 11.73 -21.18 13.18
C SER C 126 12.11 -20.30 12.00
N GLY C 127 11.14 -19.60 11.41
CA GLY C 127 11.35 -18.80 10.24
C GLY C 127 11.37 -19.57 8.94
N ASN C 128 11.04 -20.86 8.97
CA ASN C 128 11.07 -21.71 7.78
C ASN C 128 9.79 -21.63 6.98
N TYR C 129 8.65 -21.36 7.63
CA TYR C 129 7.35 -21.38 6.99
C TYR C 129 6.53 -20.16 7.36
N VAL C 130 5.61 -19.81 6.47
CA VAL C 130 4.57 -18.84 6.74
C VAL C 130 3.23 -19.50 6.41
N ALA C 131 2.15 -18.92 6.93
CA ALA C 131 0.83 -19.48 6.69
C ALA C 131 -0.17 -18.35 6.58
N CYS C 132 -1.26 -18.62 5.86
CA CYS C 132 -2.34 -17.64 5.76
C CYS C 132 -3.62 -18.32 5.29
N GLY C 133 -4.71 -17.60 5.42
CA GLY C 133 -5.99 -18.08 4.92
C GLY C 133 -7.04 -17.02 5.15
N GLY C 134 -8.28 -17.33 4.75
CA GLY C 134 -9.41 -16.41 4.92
C GLY C 134 -10.72 -17.01 4.43
N LEU C 135 -11.41 -16.36 3.51
CA LEU C 135 -12.74 -16.80 3.03
C LEU C 135 -12.63 -18.17 2.35
N ASP C 136 -11.56 -18.45 1.61
CA ASP C 136 -11.33 -19.77 0.95
C ASP C 136 -11.69 -20.93 1.90
N ASN C 137 -11.49 -20.83 3.22
CA ASN C 137 -11.74 -21.87 4.21
C ASN C 137 -10.54 -22.82 4.19
N ILE C 138 -9.41 -22.41 3.62
CA ILE C 138 -8.23 -23.25 3.54
C ILE C 138 -7.06 -22.50 4.17
N CYS C 139 -6.30 -23.19 5.01
CA CYS C 139 -5.08 -22.63 5.59
C CYS C 139 -3.90 -23.09 4.75
N SER C 140 -3.25 -22.17 4.04
CA SER C 140 -2.14 -22.54 3.19
C SER C 140 -0.83 -22.26 3.91
N ILE C 141 0.10 -23.21 3.83
CA ILE C 141 1.41 -23.13 4.46
C ILE C 141 2.46 -23.13 3.36
N TYR C 142 3.29 -22.09 3.37
CA TYR C 142 4.35 -21.84 2.40
C TYR C 142 5.72 -22.12 3.02
N ASN C 143 6.58 -22.75 2.24
CA ASN C 143 7.95 -23.09 2.63
C ASN C 143 8.92 -22.03 2.12
N LEU C 144 9.53 -21.28 3.04
CA LEU C 144 10.40 -20.19 2.59
C LEU C 144 11.82 -20.65 2.31
N LYS C 145 12.41 -21.48 3.19
CA LYS C 145 13.79 -21.89 3.00
C LYS C 145 13.83 -23.17 2.17
N THR C 146 13.61 -23.00 0.88
CA THR C 146 13.54 -24.10 -0.07
C THR C 146 14.73 -24.08 -0.99
N ARG C 147 14.99 -25.23 -1.60
CA ARG C 147 15.92 -25.24 -2.71
C ARG C 147 15.18 -24.74 -3.93
N GLU C 148 15.91 -24.54 -5.02
CA GLU C 148 15.36 -24.03 -6.27
C GLU C 148 15.18 -22.52 -6.20
N GLY C 149 15.14 -21.94 -5.00
CA GLY C 149 15.16 -20.51 -4.85
C GLY C 149 13.84 -19.77 -4.84
N ASN C 150 12.71 -20.47 -4.77
CA ASN C 150 11.44 -19.77 -4.77
C ASN C 150 10.48 -20.38 -3.76
N VAL C 151 9.67 -19.49 -3.18
CA VAL C 151 8.69 -19.88 -2.18
C VAL C 151 7.55 -20.62 -2.87
N ARG C 152 7.13 -21.74 -2.29
CA ARG C 152 6.06 -22.54 -2.87
C ARG C 152 5.15 -23.00 -1.75
N VAL C 153 3.95 -23.41 -2.14
CA VAL C 153 2.99 -23.93 -1.18
C VAL C 153 3.43 -25.31 -0.73
N SER C 154 3.49 -25.50 0.58
CA SER C 154 3.85 -26.78 1.16
C SER C 154 2.59 -27.57 1.43
N ARG C 155 1.62 -26.96 2.08
CA ARG C 155 0.37 -27.65 2.41
C ARG C 155 -0.83 -26.74 2.24
N GLU C 156 -1.97 -27.36 1.95
CA GLU C 156 -3.26 -26.70 1.98
C GLU C 156 -4.11 -27.50 2.96
N LEU C 157 -4.47 -26.87 4.07
CA LEU C 157 -5.22 -27.53 5.13
C LEU C 157 -6.69 -27.19 5.00
N ALA C 158 -7.48 -28.17 4.57
CA ALA C 158 -8.90 -28.03 4.32
C ALA C 158 -9.66 -28.89 5.32
N GLY C 159 -10.85 -28.42 5.69
CA GLY C 159 -11.67 -29.12 6.65
C GLY C 159 -12.66 -28.21 7.33
N HIS C 160 -12.30 -26.94 7.48
CA HIS C 160 -13.22 -25.98 8.06
C HIS C 160 -14.31 -25.65 7.04
N THR C 161 -15.48 -25.28 7.55
CA THR C 161 -16.62 -24.97 6.70
C THR C 161 -16.92 -23.47 6.73
N GLY C 162 -16.06 -22.70 7.38
CA GLY C 162 -16.21 -21.26 7.47
C GLY C 162 -14.87 -20.62 7.16
N TYR C 163 -14.83 -19.31 7.31
CA TYR C 163 -13.60 -18.58 7.01
C TYR C 163 -12.61 -18.81 8.15
N LEU C 164 -11.33 -18.69 7.84
CA LEU C 164 -10.30 -18.77 8.87
C LEU C 164 -9.99 -17.37 9.37
N SER C 165 -10.17 -17.16 10.67
CA SER C 165 -9.94 -15.85 11.28
C SER C 165 -8.55 -15.71 11.89
N CYS C 166 -7.90 -16.81 12.28
CA CYS C 166 -6.60 -16.72 12.93
C CYS C 166 -5.91 -18.07 12.89
N CYS C 167 -4.60 -18.06 12.67
CA CYS C 167 -3.80 -19.28 12.72
C CYS C 167 -2.46 -18.96 13.38
N ARG C 168 -1.97 -19.89 14.19
CA ARG C 168 -0.69 -19.79 14.87
C ARG C 168 0.05 -21.11 14.88
N PHE C 169 1.36 -21.06 14.67
CA PHE C 169 2.20 -22.25 14.69
C PHE C 169 2.65 -22.57 16.10
N LEU C 170 2.68 -23.86 16.42
CA LEU C 170 3.24 -24.35 17.67
C LEU C 170 4.68 -24.77 17.46
N ASP C 171 4.94 -25.32 16.28
CA ASP C 171 6.22 -25.83 15.83
C ASP C 171 6.13 -25.92 14.30
N ASP C 172 7.15 -26.46 13.65
CA ASP C 172 7.10 -26.57 12.21
C ASP C 172 6.11 -27.62 11.72
N ASN C 173 5.66 -28.51 12.59
CA ASN C 173 4.72 -29.56 12.21
C ASN C 173 3.30 -29.40 12.74
N GLN C 174 3.05 -28.49 13.68
CA GLN C 174 1.72 -28.30 14.23
C GLN C 174 1.27 -26.86 14.09
N ILE C 175 0.03 -26.67 13.62
CA ILE C 175 -0.55 -25.34 13.49
C ILE C 175 -1.96 -25.37 14.06
N VAL C 176 -2.36 -24.33 14.77
CA VAL C 176 -3.71 -24.24 15.31
C VAL C 176 -4.43 -23.09 14.63
N THR C 177 -5.66 -23.35 14.19
CA THR C 177 -6.46 -22.37 13.48
C THR C 177 -7.81 -22.16 14.15
N SER C 178 -8.40 -20.99 13.88
CA SER C 178 -9.73 -20.62 14.32
C SER C 178 -10.58 -20.33 13.11
N SER C 179 -11.82 -20.81 13.12
CA SER C 179 -12.72 -20.64 11.99
C SER C 179 -14.01 -19.93 12.36
N GLY C 180 -14.70 -19.47 11.32
CA GLY C 180 -15.98 -18.81 11.35
C GLY C 180 -17.14 -19.74 11.60
N ASP C 181 -16.87 -21.04 11.68
CA ASP C 181 -17.86 -22.06 11.92
C ASP C 181 -17.98 -22.45 13.38
N THR C 182 -17.37 -21.67 14.27
CA THR C 182 -17.38 -21.83 15.73
C THR C 182 -16.37 -22.87 16.23
N THR C 183 -15.62 -23.53 15.35
CA THR C 183 -14.67 -24.55 15.76
C THR C 183 -13.24 -24.06 15.62
N CYS C 184 -12.37 -24.54 16.50
CA CYS C 184 -10.93 -24.35 16.41
C CYS C 184 -10.31 -25.72 16.14
N ALA C 185 -9.13 -25.76 15.51
CA ALA C 185 -8.55 -27.07 15.28
C ALA C 185 -7.03 -27.04 15.28
N LEU C 186 -6.46 -28.13 15.79
CA LEU C 186 -5.03 -28.37 15.80
C LEU C 186 -4.73 -29.34 14.66
N TRP C 187 -3.90 -28.88 13.72
CA TRP C 187 -3.53 -29.58 12.51
C TRP C 187 -2.10 -30.09 12.58
N ASP C 188 -1.90 -31.28 12.01
CA ASP C 188 -0.59 -31.87 11.79
C ASP C 188 -0.20 -31.52 10.35
N ILE C 189 0.79 -30.64 10.18
CA ILE C 189 1.07 -30.08 8.86
C ILE C 189 1.51 -31.17 7.89
N GLU C 190 2.39 -32.09 8.32
CA GLU C 190 2.88 -33.09 7.40
C GLU C 190 1.77 -34.04 6.96
N THR C 191 0.91 -34.46 7.88
CA THR C 191 -0.16 -35.39 7.52
C THR C 191 -1.23 -34.69 6.69
N GLY C 192 -1.56 -33.45 7.04
CA GLY C 192 -2.58 -32.70 6.37
C GLY C 192 -3.96 -32.89 6.94
N GLN C 193 -4.07 -33.63 8.04
CA GLN C 193 -5.32 -33.93 8.72
C GLN C 193 -5.38 -33.18 10.03
N GLN C 194 -6.60 -33.00 10.53
CA GLN C 194 -6.77 -32.40 11.84
C GLN C 194 -6.48 -33.44 12.90
N THR C 195 -5.84 -32.99 13.97
CA THR C 195 -5.54 -33.87 15.09
C THR C 195 -6.47 -33.63 16.26
N THR C 196 -6.74 -32.38 16.61
CA THR C 196 -7.63 -32.10 17.73
C THR C 196 -8.66 -31.08 17.30
N THR C 197 -9.94 -31.35 17.56
CA THR C 197 -10.99 -30.41 17.21
C THR C 197 -11.56 -29.83 18.50
N PHE C 198 -11.63 -28.50 18.56
CA PHE C 198 -12.07 -27.77 19.74
C PHE C 198 -13.44 -27.16 19.47
N THR C 199 -14.47 -27.72 20.09
CA THR C 199 -15.84 -27.28 19.88
C THR C 199 -16.38 -26.75 21.20
N GLY C 200 -17.44 -25.96 21.13
CA GLY C 200 -18.01 -25.41 22.34
C GLY C 200 -18.44 -23.97 22.22
N HIS C 201 -17.92 -23.26 21.22
CA HIS C 201 -18.37 -21.90 20.98
C HIS C 201 -19.72 -21.90 20.28
N THR C 202 -20.44 -20.80 20.42
CA THR C 202 -21.74 -20.66 19.77
C THR C 202 -21.66 -19.76 18.55
N GLY C 203 -20.78 -18.75 18.58
CA GLY C 203 -20.59 -17.84 17.48
C GLY C 203 -19.27 -18.15 16.79
N ASP C 204 -18.97 -17.34 15.77
CA ASP C 204 -17.73 -17.55 15.05
C ASP C 204 -16.54 -17.13 15.93
N VAL C 205 -15.40 -17.76 15.70
CA VAL C 205 -14.20 -17.49 16.50
C VAL C 205 -13.36 -16.48 15.74
N MET C 206 -13.08 -15.35 16.39
CA MET C 206 -12.39 -14.22 15.78
C MET C 206 -10.89 -14.16 16.05
N SER C 207 -10.42 -14.66 17.19
CA SER C 207 -9.02 -14.50 17.56
C SER C 207 -8.54 -15.67 18.38
N LEU C 208 -7.25 -15.98 18.23
CA LEU C 208 -6.58 -17.07 18.91
C LEU C 208 -5.25 -16.58 19.45
N SER C 209 -4.92 -16.97 20.68
CA SER C 209 -3.63 -16.62 21.29
C SER C 209 -3.05 -17.84 21.99
N LEU C 210 -1.78 -18.13 21.72
CA LEU C 210 -1.10 -19.26 22.32
C LEU C 210 -0.45 -18.87 23.63
N ALA C 211 -0.43 -19.81 24.57
CA ALA C 211 0.24 -19.60 25.83
C ALA C 211 1.75 -19.50 25.61
N PRO C 212 2.46 -18.78 26.48
CA PRO C 212 3.92 -18.74 26.37
C PRO C 212 4.59 -20.11 26.28
N ASP C 213 4.02 -21.15 26.89
CA ASP C 213 4.62 -22.48 26.84
C ASP C 213 3.99 -23.40 25.79
N THR C 214 3.09 -22.89 24.96
CA THR C 214 2.39 -23.63 23.92
C THR C 214 1.40 -24.67 24.44
N ARG C 215 1.24 -24.83 25.76
CA ARG C 215 0.37 -25.89 26.24
C ARG C 215 -1.10 -25.48 26.26
N LEU C 216 -1.40 -24.19 26.36
CA LEU C 216 -2.77 -23.72 26.41
C LEU C 216 -2.97 -22.60 25.40
N PHE C 217 -4.22 -22.41 24.96
CA PHE C 217 -4.52 -21.23 24.15
C PHE C 217 -5.89 -20.67 24.52
N VAL C 218 -6.11 -19.39 24.21
CA VAL C 218 -7.39 -18.72 24.47
C VAL C 218 -7.98 -18.26 23.16
N SER C 219 -9.26 -18.56 22.94
CA SER C 219 -9.98 -18.16 21.75
C SER C 219 -11.12 -17.21 22.12
N GLY C 220 -11.35 -16.22 21.27
CA GLY C 220 -12.43 -15.26 21.45
C GLY C 220 -13.47 -15.46 20.37
N ALA C 221 -14.73 -15.17 20.68
CA ALA C 221 -15.77 -15.38 19.67
C ALA C 221 -16.84 -14.30 19.77
N CYS C 222 -17.78 -14.34 18.82
CA CYS C 222 -18.88 -13.39 18.70
C CYS C 222 -19.99 -13.63 19.72
N ASP C 223 -19.73 -14.50 20.67
CA ASP C 223 -20.60 -14.79 21.80
C ASP C 223 -20.30 -13.88 22.97
N ALA C 224 -19.34 -12.96 22.81
CA ALA C 224 -18.89 -12.10 23.88
C ALA C 224 -18.29 -12.95 24.99
N SER C 225 -17.51 -13.95 24.58
CA SER C 225 -16.85 -14.84 25.52
C SER C 225 -15.56 -15.34 24.90
N ALA C 226 -14.72 -15.87 25.79
CA ALA C 226 -13.44 -16.45 25.42
C ALA C 226 -13.29 -17.77 26.17
N LYS C 227 -12.67 -18.73 25.53
CA LYS C 227 -12.47 -20.04 26.14
C LYS C 227 -11.00 -20.42 26.15
N LEU C 228 -10.58 -21.02 27.26
CA LEU C 228 -9.23 -21.50 27.45
C LEU C 228 -9.18 -22.99 27.13
N TRP C 229 -8.41 -23.36 26.11
CA TRP C 229 -8.32 -24.73 25.63
C TRP C 229 -6.99 -25.35 26.01
N ASP C 230 -7.04 -26.64 26.32
CA ASP C 230 -5.87 -27.48 26.58
C ASP C 230 -5.44 -28.13 25.27
N VAL C 231 -4.28 -27.74 24.75
CA VAL C 231 -3.87 -28.17 23.42
C VAL C 231 -3.74 -29.68 23.35
N ARG C 232 -3.22 -30.30 24.40
CA ARG C 232 -2.99 -31.74 24.37
C ARG C 232 -4.26 -32.55 24.62
N GLU C 233 -5.14 -32.08 25.51
CA GLU C 233 -6.32 -32.88 25.83
C GLU C 233 -7.51 -32.61 24.93
N GLY C 234 -7.66 -31.40 24.42
CA GLY C 234 -8.78 -31.07 23.55
C GLY C 234 -9.94 -30.46 24.31
N MET C 235 -9.93 -30.46 25.64
CA MET C 235 -11.04 -29.84 26.38
C MET C 235 -10.94 -28.37 26.73
N CYS C 236 -12.10 -27.75 26.92
CA CYS C 236 -12.20 -26.37 27.38
C CYS C 236 -12.12 -26.44 28.89
N ARG C 237 -11.18 -25.70 29.48
CA ARG C 237 -11.06 -25.68 30.93
C ARG C 237 -11.78 -24.51 31.58
N GLN C 238 -11.79 -23.34 30.94
CA GLN C 238 -12.45 -22.17 31.51
C GLN C 238 -13.16 -21.38 30.41
N THR C 239 -14.29 -20.78 30.78
CA THR C 239 -15.03 -19.88 29.91
C THR C 239 -15.12 -18.54 30.62
N PHE C 240 -14.71 -17.48 29.92
CA PHE C 240 -14.71 -16.13 30.46
C PHE C 240 -15.74 -15.30 29.72
N THR C 241 -16.60 -14.62 30.48
CA THR C 241 -17.64 -13.77 29.92
C THR C 241 -17.52 -12.40 30.56
N GLY C 242 -18.19 -11.42 29.95
CA GLY C 242 -18.16 -10.08 30.47
C GLY C 242 -18.38 -9.02 29.40
N HIS C 243 -17.92 -9.30 28.18
CA HIS C 243 -18.13 -8.35 27.11
C HIS C 243 -19.59 -8.36 26.68
N GLU C 244 -20.03 -7.25 26.10
CA GLU C 244 -21.38 -7.13 25.59
C GLU C 244 -21.48 -7.49 24.12
N SER C 245 -20.39 -7.36 23.36
CA SER C 245 -20.39 -7.68 21.95
C SER C 245 -19.22 -8.56 21.54
N ASP C 246 -19.05 -8.72 20.23
CA ASP C 246 -18.07 -9.64 19.68
C ASP C 246 -16.66 -9.30 20.16
N ILE C 247 -15.87 -10.33 20.42
CA ILE C 247 -14.47 -10.18 20.79
C ILE C 247 -13.63 -10.37 19.53
N ASN C 248 -12.85 -9.35 19.17
CA ASN C 248 -12.08 -9.37 17.95
C ASN C 248 -10.59 -9.67 18.15
N ALA C 249 -10.05 -9.52 19.35
CA ALA C 249 -8.63 -9.75 19.56
C ALA C 249 -8.38 -10.27 20.97
N ILE C 250 -7.50 -11.27 21.07
CA ILE C 250 -7.06 -11.81 22.35
C ILE C 250 -5.53 -11.88 22.35
N CYS C 251 -4.94 -11.56 23.50
CA CYS C 251 -3.50 -11.67 23.70
C CYS C 251 -3.20 -12.12 25.12
N PHE C 252 -2.33 -13.11 25.26
CA PHE C 252 -1.85 -13.54 26.57
C PHE C 252 -0.93 -12.54 27.23
N PHE C 253 -1.06 -12.43 28.53
CA PHE C 253 -0.13 -11.65 29.34
C PHE C 253 1.21 -12.39 29.31
N PRO C 254 2.34 -11.67 29.22
CA PRO C 254 3.63 -12.36 29.10
C PRO C 254 3.91 -13.49 30.08
N ASN C 255 3.37 -13.48 31.30
CA ASN C 255 3.69 -14.59 32.20
C ASN C 255 2.73 -15.76 32.06
N GLY C 256 1.75 -15.69 31.17
CA GLY C 256 0.86 -16.80 30.93
C GLY C 256 -0.28 -16.94 31.93
N ASN C 257 -0.40 -16.04 32.90
CA ASN C 257 -1.45 -16.14 33.91
C ASN C 257 -2.60 -15.15 33.68
N ALA C 258 -2.60 -14.42 32.57
CA ALA C 258 -3.64 -13.45 32.31
C ALA C 258 -3.70 -13.21 30.81
N PHE C 259 -4.84 -12.69 30.35
CA PHE C 259 -4.94 -12.33 28.94
C PHE C 259 -5.87 -11.13 28.82
N ALA C 260 -5.74 -10.41 27.71
CA ALA C 260 -6.60 -9.28 27.42
C ALA C 260 -7.42 -9.54 26.16
N THR C 261 -8.64 -9.00 26.18
CA THR C 261 -9.55 -9.10 25.05
C THR C 261 -9.98 -7.70 24.63
N GLY C 262 -10.29 -7.56 23.35
CA GLY C 262 -10.84 -6.33 22.81
C GLY C 262 -12.16 -6.65 22.13
N SER C 263 -13.13 -5.74 22.23
CA SER C 263 -14.43 -6.04 21.63
C SER C 263 -15.00 -4.82 20.92
N ASP C 264 -16.19 -5.04 20.32
CA ASP C 264 -16.92 -4.01 19.60
C ASP C 264 -17.69 -3.10 20.53
N ASP C 265 -17.46 -3.27 21.83
CA ASP C 265 -18.02 -2.45 22.88
C ASP C 265 -17.10 -1.29 23.20
N ALA C 266 -16.05 -1.12 22.40
CA ALA C 266 -15.05 -0.07 22.61
C ALA C 266 -14.41 -0.25 23.97
N THR C 267 -14.24 -1.51 24.36
CA THR C 267 -13.68 -1.86 25.66
C THR C 267 -12.68 -3.00 25.52
N CYS C 268 -11.61 -2.92 26.32
CA CYS C 268 -10.68 -4.03 26.49
C CYS C 268 -10.85 -4.54 27.91
N ARG C 269 -10.63 -5.82 28.11
CA ARG C 269 -10.69 -6.37 29.46
C ARG C 269 -9.52 -7.29 29.74
N LEU C 270 -8.95 -7.19 30.93
CA LEU C 270 -7.88 -8.05 31.39
C LEU C 270 -8.52 -9.08 32.30
N PHE C 271 -8.32 -10.36 31.98
CA PHE C 271 -8.84 -11.51 32.70
C PHE C 271 -7.70 -12.30 33.34
N ASP C 272 -7.94 -12.80 34.55
CA ASP C 272 -7.01 -13.63 35.29
C ASP C 272 -7.41 -15.10 35.18
N LEU C 273 -6.44 -15.95 34.83
CA LEU C 273 -6.76 -17.37 34.66
C LEU C 273 -6.86 -18.07 35.99
N ARG C 274 -6.12 -17.62 37.02
CA ARG C 274 -6.14 -18.31 38.30
C ARG C 274 -7.37 -17.94 39.12
N ALA C 275 -7.84 -16.70 39.01
CA ALA C 275 -9.02 -16.26 39.73
C ALA C 275 -10.30 -16.51 38.95
N ASP C 276 -10.18 -16.99 37.73
CA ASP C 276 -11.32 -17.27 36.86
C ASP C 276 -12.26 -16.08 36.70
N GLN C 277 -11.71 -14.89 36.49
CA GLN C 277 -12.60 -13.74 36.36
C GLN C 277 -11.84 -12.53 35.82
N GLU C 278 -12.61 -11.52 35.42
CA GLU C 278 -12.11 -10.25 34.94
C GLU C 278 -11.45 -9.45 36.05
N LEU C 279 -10.29 -8.86 35.73
CA LEU C 279 -9.59 -8.00 36.69
C LEU C 279 -9.69 -6.54 36.33
N MET C 280 -9.61 -6.17 35.05
CA MET C 280 -9.57 -4.73 34.76
C MET C 280 -10.29 -4.43 33.46
N THR C 281 -11.00 -3.29 33.44
CA THR C 281 -11.68 -2.83 32.24
C THR C 281 -11.02 -1.55 31.74
N TYR C 282 -10.68 -1.53 30.46
CA TYR C 282 -10.04 -0.39 29.81
C TYR C 282 -11.06 0.24 28.88
N SER C 283 -11.46 1.47 29.21
CA SER C 283 -12.53 2.15 28.49
C SER C 283 -12.35 3.65 28.66
N HIS C 284 -13.08 4.41 27.85
CA HIS C 284 -13.09 5.86 27.97
C HIS C 284 -14.42 6.36 27.40
N ASP C 285 -14.93 7.44 27.99
CA ASP C 285 -16.20 8.01 27.54
C ASP C 285 -16.14 8.56 26.12
N ASN C 286 -14.95 8.94 25.64
CA ASN C 286 -14.81 9.48 24.30
C ASN C 286 -14.51 8.43 23.25
N ILE C 287 -14.50 7.15 23.61
CA ILE C 287 -14.23 6.07 22.69
C ILE C 287 -15.53 5.32 22.46
N ILE C 288 -16.06 5.39 21.25
CA ILE C 288 -17.32 4.73 20.90
C ILE C 288 -17.05 3.85 19.68
N CYS C 289 -15.78 3.69 19.35
CA CYS C 289 -15.32 2.92 18.21
C CYS C 289 -14.86 1.54 18.65
N GLY C 290 -14.89 0.57 17.73
CA GLY C 290 -14.54 -0.78 18.10
C GLY C 290 -13.04 -1.02 18.18
N ILE C 291 -12.69 -2.14 18.80
CA ILE C 291 -11.30 -2.59 18.94
C ILE C 291 -11.00 -3.69 17.94
N THR C 292 -9.93 -3.53 17.17
CA THR C 292 -9.58 -4.49 16.14
C THR C 292 -8.39 -5.36 16.50
N SER C 293 -7.52 -4.91 17.42
CA SER C 293 -6.34 -5.66 17.82
C SER C 293 -5.91 -5.27 19.21
N VAL C 294 -5.27 -6.20 19.93
CA VAL C 294 -4.68 -5.92 21.23
C VAL C 294 -3.29 -6.55 21.29
N SER C 295 -2.42 -5.98 22.12
CA SER C 295 -1.11 -6.56 22.39
C SER C 295 -0.58 -6.02 23.71
N PHE C 296 0.45 -6.69 24.24
CA PHE C 296 1.14 -6.28 25.45
C PHE C 296 2.61 -5.99 25.18
N SER C 297 3.18 -5.12 26.00
CA SER C 297 4.60 -4.85 25.96
C SER C 297 5.36 -6.01 26.61
N LYS C 298 6.68 -6.01 26.44
CA LYS C 298 7.46 -7.15 26.93
C LYS C 298 7.29 -7.35 28.43
N SER C 299 7.24 -6.26 29.20
CA SER C 299 7.08 -6.40 30.64
C SER C 299 5.65 -6.61 31.07
N GLY C 300 4.67 -6.42 30.19
CA GLY C 300 3.29 -6.52 30.57
C GLY C 300 2.70 -5.25 31.15
N ARG C 301 3.50 -4.20 31.30
CA ARG C 301 2.99 -2.97 31.89
C ARG C 301 2.12 -2.17 30.95
N LEU C 302 2.40 -2.20 29.64
CA LEU C 302 1.60 -1.46 28.69
C LEU C 302 0.75 -2.41 27.87
N LEU C 303 -0.48 -1.99 27.62
CA LEU C 303 -1.42 -2.69 26.76
C LEU C 303 -1.69 -1.81 25.56
N LEU C 304 -1.58 -2.37 24.37
CA LEU C 304 -1.81 -1.59 23.17
C LEU C 304 -3.06 -2.11 22.49
N ALA C 305 -3.85 -1.22 21.93
CA ALA C 305 -5.03 -1.66 21.20
C ALA C 305 -5.28 -0.77 20.00
N GLY C 306 -5.66 -1.41 18.89
CA GLY C 306 -5.98 -0.71 17.67
C GLY C 306 -7.48 -0.50 17.61
N TYR C 307 -7.87 0.67 17.11
CA TYR C 307 -9.27 1.03 17.02
C TYR C 307 -9.64 1.35 15.58
N ASP C 308 -10.92 1.25 15.28
CA ASP C 308 -11.43 1.58 13.95
C ASP C 308 -11.73 3.06 13.80
N ASP C 309 -11.21 3.90 14.69
CA ASP C 309 -11.27 5.35 14.57
C ASP C 309 -9.95 5.88 14.02
N PHE C 310 -9.14 5.00 13.46
CA PHE C 310 -7.87 5.28 12.80
C PHE C 310 -6.72 5.58 13.74
N ASN C 311 -6.75 5.16 15.00
CA ASN C 311 -5.57 5.35 15.85
C ASN C 311 -5.37 4.11 16.72
N CYS C 312 -4.33 4.17 17.55
CA CYS C 312 -3.97 3.10 18.47
C CYS C 312 -3.71 3.66 19.85
N ASN C 313 -4.35 3.12 20.87
CA ASN C 313 -4.15 3.66 22.21
C ASN C 313 -3.21 2.77 23.00
N VAL C 314 -2.44 3.40 23.89
CA VAL C 314 -1.54 2.73 24.81
C VAL C 314 -2.10 2.97 26.20
N TRP C 315 -2.46 1.88 26.88
CA TRP C 315 -3.07 1.87 28.19
C TRP C 315 -2.08 1.36 29.22
N ASP C 316 -2.16 1.91 30.43
CA ASP C 316 -1.38 1.41 31.56
C ASP C 316 -2.10 0.17 32.08
N ALA C 317 -1.50 -1.00 31.90
CA ALA C 317 -2.18 -2.26 32.20
C ALA C 317 -2.47 -2.46 33.68
N LEU C 318 -1.84 -1.71 34.58
CA LEU C 318 -2.08 -1.88 36.00
C LEU C 318 -3.03 -0.85 36.59
N LYS C 319 -3.12 0.34 36.01
CA LYS C 319 -3.97 1.40 36.52
C LYS C 319 -5.16 1.71 35.61
N ALA C 320 -5.15 1.23 34.37
CA ALA C 320 -6.17 1.53 33.38
C ALA C 320 -6.19 2.99 32.98
N ASP C 321 -5.04 3.66 33.11
CA ASP C 321 -4.89 5.02 32.60
C ASP C 321 -4.48 4.91 31.15
N ARG C 322 -4.76 5.95 30.38
CA ARG C 322 -4.30 5.97 28.99
C ARG C 322 -2.93 6.61 28.95
N ALA C 323 -1.94 5.83 28.56
CA ALA C 323 -0.55 6.30 28.57
C ALA C 323 -0.23 7.13 27.35
N GLY C 324 -0.88 6.88 26.21
CA GLY C 324 -0.54 7.66 25.03
C GLY C 324 -1.32 7.20 23.82
N VAL C 325 -1.15 7.94 22.73
CA VAL C 325 -1.85 7.64 21.49
C VAL C 325 -0.89 7.67 20.31
N LEU C 326 -0.97 6.64 19.48
CA LEU C 326 -0.24 6.54 18.22
C LEU C 326 -1.27 6.87 17.14
N ALA C 327 -1.05 7.94 16.36
CA ALA C 327 -2.08 8.37 15.43
C ALA C 327 -1.53 8.80 14.07
N GLY C 328 -0.95 7.86 13.33
CA GLY C 328 -0.39 8.15 12.03
C GLY C 328 -1.14 7.53 10.87
N HIS C 329 -2.28 6.88 11.11
CA HIS C 329 -3.01 6.20 10.05
C HIS C 329 -4.19 7.00 9.54
N ASP C 330 -4.52 6.79 8.27
CA ASP C 330 -5.64 7.43 7.62
C ASP C 330 -6.84 6.52 7.47
N ASN C 331 -6.81 5.32 8.06
CA ASN C 331 -7.91 4.39 7.95
C ASN C 331 -7.87 3.45 9.14
N ARG C 332 -8.83 2.52 9.17
CA ARG C 332 -8.96 1.60 10.29
C ARG C 332 -7.68 0.86 10.55
N VAL C 333 -7.29 0.77 11.82
CA VAL C 333 -6.11 0.00 12.18
C VAL C 333 -6.58 -1.44 12.27
N SER C 334 -5.98 -2.31 11.47
CA SER C 334 -6.44 -3.68 11.37
C SER C 334 -5.60 -4.65 12.18
N CYS C 335 -4.34 -4.34 12.43
CA CYS C 335 -3.51 -5.29 13.15
C CYS C 335 -2.36 -4.56 13.82
N LEU C 336 -1.78 -5.21 14.81
CA LEU C 336 -0.57 -4.71 15.43
C LEU C 336 0.12 -5.87 16.13
N GLY C 337 1.39 -5.65 16.48
CA GLY C 337 2.14 -6.61 17.25
C GLY C 337 3.39 -5.99 17.81
N VAL C 338 3.97 -6.68 18.79
CA VAL C 338 5.14 -6.23 19.51
C VAL C 338 6.23 -7.27 19.30
N THR C 339 7.46 -6.82 19.12
CA THR C 339 8.55 -7.75 18.90
C THR C 339 8.84 -8.54 20.16
N ASP C 340 9.50 -9.68 20.00
CA ASP C 340 9.79 -10.51 21.17
C ASP C 340 10.74 -9.80 22.12
N ASP C 341 11.61 -8.95 21.62
CA ASP C 341 12.53 -8.22 22.49
C ASP C 341 11.96 -6.91 23.00
N GLY C 342 10.74 -6.53 22.59
CA GLY C 342 10.15 -5.31 23.06
C GLY C 342 10.64 -4.04 22.39
N MET C 343 11.54 -4.14 21.42
CA MET C 343 12.12 -2.95 20.82
C MET C 343 11.13 -2.14 20.00
N ALA C 344 10.14 -2.76 19.36
CA ALA C 344 9.29 -1.96 18.49
C ALA C 344 7.88 -2.54 18.40
N VAL C 345 6.96 -1.66 18.04
CA VAL C 345 5.56 -1.98 17.84
C VAL C 345 5.24 -1.77 16.37
N ALA C 346 4.65 -2.76 15.72
CA ALA C 346 4.26 -2.57 14.33
C ALA C 346 2.75 -2.55 14.25
N THR C 347 2.23 -1.69 13.38
CA THR C 347 0.81 -1.58 13.13
C THR C 347 0.53 -1.64 11.63
N GLY C 348 -0.66 -2.10 11.30
CA GLY C 348 -1.12 -2.11 9.93
C GLY C 348 -2.57 -1.68 9.91
N SER C 349 -2.97 -1.10 8.79
CA SER C 349 -4.30 -0.54 8.62
C SER C 349 -4.79 -0.74 7.20
N TRP C 350 -6.01 -0.27 6.96
CA TRP C 350 -6.68 -0.33 5.67
C TRP C 350 -6.17 0.69 4.68
N ASP C 351 -5.19 1.51 5.06
CA ASP C 351 -4.62 2.49 4.14
C ASP C 351 -3.45 1.93 3.35
N SER C 352 -3.18 0.64 3.48
CA SER C 352 -2.12 -0.10 2.79
C SER C 352 -0.72 0.16 3.31
N PHE C 353 -0.54 0.80 4.46
CA PHE C 353 0.79 1.00 5.02
C PHE C 353 0.95 0.27 6.34
N LEU C 354 2.19 -0.10 6.63
CA LEU C 354 2.61 -0.58 7.94
C LEU C 354 3.50 0.48 8.55
N LYS C 355 3.47 0.58 9.87
CA LYS C 355 4.34 1.51 10.56
C LYS C 355 4.99 0.82 11.76
N ILE C 356 6.24 1.22 12.03
CA ILE C 356 6.97 0.72 13.19
C ILE C 356 7.20 1.90 14.12
N TRP C 357 6.72 1.75 15.35
CA TRP C 357 6.76 2.75 16.39
C TRP C 357 7.78 2.31 17.43
N ASN C 358 8.44 3.29 18.04
CA ASN C 358 9.42 2.98 19.06
C ASN C 358 9.67 4.16 19.99
N GLN D 11 -26.57 -33.44 24.13
CA GLN D 11 -27.15 -32.11 23.97
C GLN D 11 -27.03 -31.33 25.28
N ALA D 12 -28.10 -31.31 26.07
CA ALA D 12 -28.06 -30.63 27.37
C ALA D 12 -27.04 -31.29 28.30
N ARG D 13 -26.84 -32.60 28.15
CA ARG D 13 -25.87 -33.29 28.99
C ARG D 13 -24.45 -32.78 28.73
N LYS D 14 -24.16 -32.36 27.51
CA LYS D 14 -22.81 -31.88 27.23
C LYS D 14 -22.58 -30.57 27.98
N LEU D 15 -23.60 -29.70 27.98
CA LEU D 15 -23.48 -28.44 28.70
C LEU D 15 -23.34 -28.68 30.18
N VAL D 16 -24.12 -29.62 30.72
CA VAL D 16 -24.07 -29.90 32.16
C VAL D 16 -22.70 -30.44 32.54
N GLU D 17 -22.15 -31.36 31.74
CA GLU D 17 -20.85 -31.93 32.09
C GLU D 17 -19.75 -30.87 31.97
N GLN D 18 -19.83 -30.01 30.96
CA GLN D 18 -18.80 -28.98 30.81
C GLN D 18 -18.88 -27.99 31.96
N LEU D 19 -20.09 -27.63 32.38
CA LEU D 19 -20.21 -26.72 33.50
C LEU D 19 -19.71 -27.36 34.78
N LYS D 20 -19.99 -28.65 34.97
CA LYS D 20 -19.48 -29.31 36.17
C LYS D 20 -17.96 -29.29 36.18
N MET D 21 -17.34 -29.51 35.01
CA MET D 21 -15.89 -29.46 34.95
C MET D 21 -15.36 -28.07 35.25
N GLU D 22 -16.10 -27.03 34.85
CA GLU D 22 -15.65 -25.67 35.13
C GLU D 22 -15.87 -25.26 36.58
N ALA D 23 -16.89 -25.82 37.24
CA ALA D 23 -17.13 -25.52 38.64
C ALA D 23 -16.06 -26.12 39.54
N ASN D 24 -15.55 -27.30 39.20
CA ASN D 24 -14.56 -27.99 40.02
C ASN D 24 -13.14 -27.54 39.65
N ILE D 25 -12.89 -26.24 39.87
CA ILE D 25 -11.60 -25.63 39.60
C ILE D 25 -11.13 -24.94 40.86
N ASP D 26 -9.87 -25.14 41.22
CA ASP D 26 -9.27 -24.48 42.37
C ASP D 26 -8.96 -23.03 42.03
N ARG D 27 -9.57 -22.11 42.77
CA ARG D 27 -9.43 -20.69 42.51
C ARG D 27 -8.64 -20.02 43.62
N ILE D 28 -8.02 -18.89 43.29
CA ILE D 28 -7.26 -18.09 44.23
C ILE D 28 -7.90 -16.72 44.35
N LYS D 29 -7.43 -15.95 45.32
CA LYS D 29 -7.97 -14.62 45.54
C LYS D 29 -7.52 -13.66 44.45
N VAL D 30 -8.38 -12.68 44.17
CA VAL D 30 -8.05 -11.65 43.19
C VAL D 30 -6.84 -10.84 43.65
N SER D 31 -6.76 -10.56 44.95
CA SER D 31 -5.64 -9.76 45.44
C SER D 31 -4.31 -10.47 45.25
N LYS D 32 -4.31 -11.80 45.26
CA LYS D 32 -3.07 -12.51 45.01
C LYS D 32 -2.69 -12.42 43.54
N ALA D 33 -3.65 -12.60 42.64
CA ALA D 33 -3.34 -12.50 41.22
C ALA D 33 -2.83 -11.10 40.90
N ALA D 34 -3.45 -10.08 41.52
CA ALA D 34 -3.01 -8.71 41.28
C ALA D 34 -1.59 -8.51 41.78
N ALA D 35 -1.28 -9.08 42.96
CA ALA D 35 0.07 -8.96 43.49
C ALA D 35 1.07 -9.62 42.55
N ASP D 36 0.68 -10.75 41.95
CA ASP D 36 1.60 -11.45 41.06
C ASP D 36 1.82 -10.65 39.78
N LEU D 37 0.76 -10.01 39.27
CA LEU D 37 0.93 -9.20 38.07
C LEU D 37 1.81 -8.00 38.36
N MET D 38 1.66 -7.39 39.54
CA MET D 38 2.51 -6.27 39.88
C MET D 38 3.95 -6.71 39.99
N ALA D 39 4.18 -7.86 40.65
CA ALA D 39 5.54 -8.33 40.84
C ALA D 39 6.20 -8.61 39.50
N TYR D 40 5.44 -9.19 38.56
CA TYR D 40 6.00 -9.45 37.24
C TYR D 40 6.37 -8.15 36.56
N CYS D 41 5.45 -7.18 36.56
CA CYS D 41 5.71 -5.93 35.86
C CYS D 41 6.91 -5.19 36.45
N GLU D 42 7.04 -5.22 37.78
CA GLU D 42 8.18 -4.53 38.40
C GLU D 42 9.49 -5.26 38.14
N ALA D 43 9.48 -6.59 38.21
CA ALA D 43 10.70 -7.35 38.02
C ALA D 43 11.30 -7.16 36.63
N HIS D 44 10.45 -7.01 35.62
CA HIS D 44 10.87 -6.90 34.23
C HIS D 44 10.78 -5.47 33.69
N ALA D 45 10.53 -4.48 34.54
CA ALA D 45 10.36 -3.12 34.05
C ALA D 45 11.62 -2.59 33.36
N LYS D 46 12.79 -2.98 33.87
CA LYS D 46 14.06 -2.46 33.38
C LYS D 46 14.45 -2.98 32.00
N GLU D 47 13.78 -4.01 31.50
CA GLU D 47 14.10 -4.61 30.21
C GLU D 47 13.05 -4.33 29.15
N ASP D 48 12.12 -3.41 29.38
CA ASP D 48 11.07 -3.12 28.42
C ASP D 48 11.43 -1.87 27.62
N PRO D 49 11.85 -2.00 26.36
CA PRO D 49 12.24 -0.82 25.57
C PRO D 49 11.13 0.20 25.36
N LEU D 50 9.87 -0.16 25.53
CA LEU D 50 8.78 0.78 25.26
C LEU D 50 8.40 1.55 26.51
N LEU D 51 8.46 0.90 27.66
CA LEU D 51 8.16 1.55 28.93
C LEU D 51 9.30 2.48 29.30
N THR D 52 10.53 2.06 29.03
CA THR D 52 11.76 2.79 29.34
C THR D 52 12.54 3.00 28.04
N PRO D 53 12.43 4.15 27.40
CA PRO D 53 13.03 4.34 26.07
C PRO D 53 14.52 4.00 26.05
N VAL D 54 14.92 3.33 24.96
CA VAL D 54 16.28 2.87 24.72
C VAL D 54 17.12 3.93 24.00
N PRO D 55 18.29 4.27 24.53
CA PRO D 55 19.15 5.28 23.87
C PRO D 55 19.45 4.93 22.41
N ALA D 56 19.64 5.99 21.61
CA ALA D 56 19.85 5.86 20.17
C ALA D 56 21.01 4.94 19.84
N SER D 57 22.03 4.87 20.68
CA SER D 57 23.18 4.02 20.37
C SER D 57 22.83 2.55 20.54
N GLU D 58 21.74 2.26 21.25
CA GLU D 58 21.26 0.91 21.51
C GLU D 58 20.04 0.57 20.67
N ASN D 59 19.26 1.57 20.29
CA ASN D 59 18.01 1.40 19.57
C ASN D 59 18.26 0.90 18.15
N PRO D 60 17.76 -0.29 17.78
CA PRO D 60 18.03 -0.80 16.43
C PRO D 60 17.31 -0.05 15.32
N PHE D 61 16.34 0.81 15.65
CA PHE D 61 15.56 1.50 14.62
C PHE D 61 15.92 2.98 14.56
N LEU E 5 26.88 0.42 2.76
CA LEU E 5 26.28 -0.87 2.44
C LEU E 5 27.31 -1.82 1.85
N SER E 6 27.21 -3.10 2.22
CA SER E 6 28.09 -4.12 1.68
C SER E 6 27.54 -4.65 0.36
N ALA E 7 28.36 -5.44 -0.34
CA ALA E 7 27.94 -6.00 -1.61
C ALA E 7 26.65 -6.80 -1.47
N GLU E 8 26.47 -7.47 -0.34
CA GLU E 8 25.28 -8.28 -0.16
C GLU E 8 24.08 -7.39 0.15
N ASP E 9 24.31 -6.20 0.68
CA ASP E 9 23.18 -5.35 1.00
C ASP E 9 22.73 -4.66 -0.27
N LYS E 10 23.67 -4.35 -1.14
CA LYS E 10 23.32 -3.73 -2.41
C LYS E 10 22.53 -4.73 -3.25
N ALA E 11 22.95 -6.00 -3.23
CA ALA E 11 22.21 -7.03 -3.96
C ALA E 11 20.82 -7.20 -3.36
N ALA E 12 20.71 -7.13 -2.02
CA ALA E 12 19.41 -7.26 -1.40
C ALA E 12 18.49 -6.11 -1.81
N VAL E 13 19.06 -4.91 -1.95
CA VAL E 13 18.26 -3.78 -2.39
C VAL E 13 17.79 -3.98 -3.83
N GLU E 14 18.68 -4.46 -4.69
CA GLU E 14 18.27 -4.70 -6.07
C GLU E 14 17.13 -5.72 -6.12
N ARG E 15 17.21 -6.77 -5.29
CA ARG E 15 16.12 -7.73 -5.22
C ARG E 15 14.83 -7.05 -4.78
N SER E 16 14.92 -6.19 -3.77
CA SER E 16 13.72 -5.50 -3.29
C SER E 16 13.11 -4.66 -4.39
N LYS E 17 13.94 -3.96 -5.16
CA LYS E 17 13.44 -3.13 -6.24
C LYS E 17 12.76 -3.98 -7.32
N MET E 18 13.30 -5.15 -7.62
CA MET E 18 12.61 -5.99 -8.61
C MET E 18 11.28 -6.48 -8.07
N ILE E 19 11.20 -6.72 -6.76
CA ILE E 19 9.94 -7.11 -6.14
C ILE E 19 8.93 -5.99 -6.29
N GLU E 20 9.35 -4.75 -6.01
CA GLU E 20 8.45 -3.62 -6.11
C GLU E 20 7.98 -3.44 -7.55
N LYS E 21 8.87 -3.64 -8.52
CA LYS E 21 8.49 -3.53 -9.91
C LYS E 21 7.37 -4.51 -10.25
N ASN E 22 7.52 -5.76 -9.81
CA ASN E 22 6.47 -6.73 -10.13
C ASN E 22 5.19 -6.43 -9.36
N LEU E 23 5.30 -5.90 -8.14
CA LEU E 23 4.10 -5.56 -7.39
C LEU E 23 3.32 -4.47 -8.11
N LYS E 24 4.02 -3.48 -8.64
CA LYS E 24 3.35 -2.42 -9.38
C LYS E 24 2.71 -2.95 -10.64
N GLU E 25 3.40 -3.85 -11.34
CA GLU E 25 2.83 -4.41 -12.57
C GLU E 25 1.55 -5.18 -12.27
N ASP E 26 1.54 -5.92 -11.16
CA ASP E 26 0.33 -6.66 -10.82
C ASP E 26 -0.77 -5.70 -10.40
N GLY E 27 -0.42 -4.63 -9.69
CA GLY E 27 -1.42 -3.66 -9.29
C GLY E 27 -2.07 -3.01 -10.50
N ILE E 28 -1.29 -2.77 -11.54
CA ILE E 28 -1.84 -2.19 -12.75
C ILE E 28 -2.76 -3.19 -13.43
N SER E 29 -2.30 -4.43 -13.56
CA SER E 29 -3.15 -5.42 -14.23
C SER E 29 -4.47 -5.56 -13.49
N ALA E 30 -4.42 -5.60 -12.15
CA ALA E 30 -5.63 -5.75 -11.35
C ALA E 30 -6.48 -4.49 -11.32
N ALA E 31 -5.94 -3.34 -11.74
CA ALA E 31 -6.68 -2.10 -11.64
C ALA E 31 -7.66 -1.90 -12.79
N LYS E 32 -7.64 -2.77 -13.79
CA LYS E 32 -8.52 -2.67 -14.94
C LYS E 32 -9.80 -3.46 -14.76
N ASP E 33 -9.95 -4.17 -13.65
CA ASP E 33 -11.12 -5.00 -13.41
C ASP E 33 -12.22 -4.20 -12.74
N VAL E 34 -13.45 -4.62 -12.99
CA VAL E 34 -14.63 -4.07 -12.34
C VAL E 34 -15.14 -5.16 -11.40
N LYS E 35 -15.19 -4.86 -10.11
CA LYS E 35 -15.61 -5.83 -9.12
C LYS E 35 -17.07 -5.57 -8.76
N LEU E 36 -17.89 -6.60 -8.93
CA LEU E 36 -19.31 -6.54 -8.65
C LEU E 36 -19.67 -7.61 -7.64
N LEU E 37 -20.45 -7.26 -6.64
CA LEU E 37 -20.87 -8.23 -5.62
C LEU E 37 -22.24 -8.71 -6.05
N LEU E 38 -22.47 -10.01 -6.05
CA LEU E 38 -23.75 -10.58 -6.46
C LEU E 38 -24.48 -11.19 -5.28
N LEU E 39 -25.65 -10.65 -4.96
CA LEU E 39 -26.50 -11.08 -3.85
C LEU E 39 -27.88 -11.43 -4.37
N GLY E 40 -28.56 -12.30 -3.66
CA GLY E 40 -29.93 -12.62 -4.02
C GLY E 40 -30.48 -13.76 -3.20
N ALA E 41 -31.75 -14.05 -3.47
CA ALA E 41 -32.46 -15.13 -2.81
C ALA E 41 -31.98 -16.48 -3.32
N ASP E 42 -32.20 -17.52 -2.53
CA ASP E 42 -31.87 -18.86 -3.00
C ASP E 42 -32.70 -19.16 -4.25
N ASN E 43 -32.04 -19.73 -5.24
CA ASN E 43 -32.66 -20.09 -6.52
C ASN E 43 -33.24 -18.84 -7.21
N SER E 44 -32.65 -17.69 -6.93
CA SER E 44 -33.10 -16.44 -7.56
C SER E 44 -32.73 -16.37 -9.03
N GLY E 45 -31.81 -17.20 -9.49
CA GLY E 45 -31.32 -17.15 -10.85
C GLY E 45 -30.03 -16.38 -10.99
N LYS E 46 -29.46 -15.92 -9.88
CA LYS E 46 -28.21 -15.15 -9.92
C LYS E 46 -27.08 -15.93 -10.59
N SER E 47 -27.09 -17.26 -10.51
CA SER E 47 -26.01 -18.04 -11.10
C SER E 47 -26.00 -17.98 -12.63
N THR E 48 -27.09 -17.54 -13.26
CA THR E 48 -27.17 -17.45 -14.71
C THR E 48 -27.44 -16.03 -15.19
N ILE E 49 -27.16 -15.03 -14.37
CA ILE E 49 -27.48 -13.65 -14.74
C ILE E 49 -26.78 -13.24 -16.02
N VAL E 50 -25.55 -13.71 -16.24
CA VAL E 50 -24.82 -13.43 -17.48
C VAL E 50 -24.44 -14.77 -18.11
N LYS E 51 -24.84 -14.96 -19.37
CA LYS E 51 -24.64 -16.23 -20.06
C LYS E 51 -23.18 -16.54 -20.34
N GLN E 52 -22.31 -15.53 -20.32
CA GLN E 52 -20.90 -15.67 -20.63
C GLN E 52 -20.01 -15.94 -19.41
N MET E 53 -20.58 -16.10 -18.22
CA MET E 53 -19.73 -16.25 -17.05
C MET E 53 -18.94 -17.55 -17.06
N LYS E 54 -17.69 -17.44 -16.63
CA LYS E 54 -16.81 -18.56 -16.37
C LYS E 54 -16.60 -18.63 -14.86
N ILE E 55 -16.37 -19.84 -14.33
CA ILE E 55 -16.12 -20.02 -12.91
C ILE E 55 -14.65 -20.34 -12.69
N ILE E 56 -13.95 -19.44 -12.00
CA ILE E 56 -12.52 -19.58 -11.77
C ILE E 56 -12.20 -18.94 -10.42
N THR E 67 -17.17 -24.94 0.38
CA THR E 67 -17.39 -23.86 -0.58
C THR E 67 -17.24 -22.50 0.10
N GLY E 68 -16.46 -21.63 -0.52
CA GLY E 68 -16.26 -20.28 -0.02
C GLY E 68 -16.94 -19.27 -0.91
N ILE E 69 -16.16 -18.37 -1.49
CA ILE E 69 -16.66 -17.37 -2.42
C ILE E 69 -16.55 -17.96 -3.82
N VAL E 70 -17.63 -17.85 -4.60
CA VAL E 70 -17.61 -18.35 -5.96
C VAL E 70 -17.35 -17.16 -6.86
N GLU E 71 -16.18 -17.12 -7.46
CA GLU E 71 -15.78 -16.01 -8.30
C GLU E 71 -15.97 -16.38 -9.75
N THR E 72 -16.71 -15.53 -10.46
CA THR E 72 -16.99 -15.72 -11.87
C THR E 72 -16.50 -14.48 -12.58
N HIS E 73 -16.32 -14.57 -13.89
CA HIS E 73 -15.89 -13.39 -14.59
C HIS E 73 -16.29 -13.49 -16.05
N PHE E 74 -16.30 -12.34 -16.70
CA PHE E 74 -16.57 -12.26 -18.12
C PHE E 74 -15.92 -10.99 -18.63
N THR E 75 -15.77 -10.88 -19.93
CA THR E 75 -15.29 -9.64 -20.51
C THR E 75 -16.39 -9.08 -21.40
N PHE E 76 -16.40 -7.75 -21.52
CA PHE E 76 -17.40 -7.09 -22.34
C PHE E 76 -16.82 -5.77 -22.80
N LYS E 77 -16.90 -5.49 -24.10
CA LYS E 77 -16.28 -4.30 -24.68
C LYS E 77 -14.82 -4.38 -24.26
N ASN E 78 -14.26 -3.39 -23.55
CA ASN E 78 -12.87 -3.42 -23.13
C ASN E 78 -12.72 -3.55 -21.62
N LEU E 79 -13.77 -4.01 -20.94
CA LEU E 79 -13.72 -4.16 -19.49
C LEU E 79 -13.78 -5.63 -19.11
N HIS E 80 -13.13 -5.95 -17.99
CA HIS E 80 -13.13 -7.27 -17.39
C HIS E 80 -13.97 -7.22 -16.10
N PHE E 81 -15.07 -7.95 -16.08
CA PHE E 81 -15.99 -7.93 -14.95
C PHE E 81 -15.78 -9.17 -14.08
N ARG E 82 -15.63 -8.94 -12.77
CA ARG E 82 -15.44 -10.00 -11.79
C ARG E 82 -16.64 -9.98 -10.84
N LEU E 83 -17.45 -11.03 -10.88
CA LEU E 83 -18.65 -11.13 -10.08
C LEU E 83 -18.39 -12.10 -8.94
N PHE E 84 -18.63 -11.67 -7.71
CA PHE E 84 -18.37 -12.51 -6.55
C PHE E 84 -19.67 -12.97 -5.92
N ASP E 85 -19.96 -14.27 -5.95
CA ASP E 85 -21.14 -14.85 -5.25
C ASP E 85 -20.70 -15.15 -3.82
N VAL E 86 -21.43 -14.68 -2.81
CA VAL E 86 -20.99 -14.80 -1.39
C VAL E 86 -21.69 -15.92 -0.62
N GLY E 87 -22.50 -16.76 -1.28
CA GLY E 87 -23.31 -17.79 -0.60
C GLY E 87 -22.57 -18.75 0.32
N GLY E 88 -21.41 -19.29 -0.07
CA GLY E 88 -20.73 -20.35 0.70
C GLY E 88 -20.50 -20.04 2.18
N GLN E 89 -20.33 -18.77 2.55
CA GLN E 89 -20.04 -18.35 3.91
C GLN E 89 -21.34 -18.20 4.69
N ARG E 90 -21.86 -19.34 5.14
CA ARG E 90 -23.12 -19.40 5.88
C ARG E 90 -22.81 -19.05 7.34
N SER E 91 -22.29 -17.85 7.54
CA SER E 91 -21.89 -17.42 8.91
C SER E 91 -22.35 -15.98 9.13
N ARG E 93 -22.02 -12.47 9.00
CA ARG E 93 -21.76 -11.90 7.66
C ARG E 93 -21.04 -10.55 7.83
N LYS E 94 -21.50 -9.73 8.76
CA LYS E 94 -20.82 -8.44 9.04
C LYS E 94 -19.33 -8.72 9.25
N LYS E 95 -19.01 -9.94 9.70
CA LYS E 95 -17.60 -10.28 10.00
C LYS E 95 -16.79 -10.46 8.71
N TRP E 96 -17.42 -10.68 7.55
CA TRP E 96 -16.58 -10.74 6.32
C TRP E 96 -17.08 -9.85 5.19
N ILE E 97 -18.11 -9.04 5.41
CA ILE E 97 -18.69 -8.28 4.31
C ILE E 97 -17.86 -7.06 4.02
N HIS E 98 -17.18 -6.50 5.02
CA HIS E 98 -16.34 -5.34 4.79
C HIS E 98 -15.21 -5.60 3.80
N CYS E 99 -14.97 -6.87 3.45
CA CYS E 99 -13.94 -7.16 2.47
C CYS E 99 -14.39 -6.71 1.08
N PHE E 100 -15.69 -6.47 0.92
CA PHE E 100 -16.28 -6.07 -0.35
C PHE E 100 -16.69 -4.60 -0.33
N GLU E 101 -16.17 -3.85 0.63
CA GLU E 101 -16.51 -2.43 0.76
C GLU E 101 -16.22 -1.66 -0.52
N ASP E 102 -15.18 -2.02 -1.26
CA ASP E 102 -14.79 -1.27 -2.45
C ASP E 102 -15.34 -1.84 -3.74
N VAL E 103 -16.35 -2.72 -3.69
CA VAL E 103 -16.94 -3.19 -4.93
C VAL E 103 -17.58 -1.99 -5.64
N THR E 104 -17.51 -1.97 -6.96
CA THR E 104 -18.08 -0.82 -7.65
C THR E 104 -19.60 -0.82 -7.58
N ALA E 105 -20.22 -2.01 -7.58
CA ALA E 105 -21.67 -2.08 -7.52
C ALA E 105 -22.10 -3.43 -6.97
N ILE E 106 -23.34 -3.45 -6.49
CA ILE E 106 -23.98 -4.67 -6.02
C ILE E 106 -25.11 -5.03 -6.98
N ILE E 107 -25.11 -6.27 -7.43
CA ILE E 107 -26.17 -6.80 -8.27
C ILE E 107 -27.06 -7.60 -7.33
N PHE E 108 -28.36 -7.32 -7.36
CA PHE E 108 -29.30 -8.00 -6.48
C PHE E 108 -30.34 -8.67 -7.37
N CYS E 109 -30.52 -9.98 -7.20
CA CYS E 109 -31.46 -10.73 -8.01
C CYS E 109 -32.69 -11.11 -7.19
N VAL E 110 -33.87 -10.85 -7.74
CA VAL E 110 -35.14 -11.16 -7.12
C VAL E 110 -35.93 -12.06 -8.06
N ASP E 111 -36.47 -13.15 -7.53
CA ASP E 111 -37.33 -14.04 -8.29
C ASP E 111 -38.78 -13.60 -8.08
N LEU E 112 -39.42 -13.08 -9.12
CA LEU E 112 -40.77 -12.56 -8.96
C LEU E 112 -41.81 -13.67 -8.99
N SER E 113 -41.45 -14.85 -9.50
CA SER E 113 -42.41 -15.93 -9.63
C SER E 113 -42.68 -16.59 -8.28
N ASP E 114 -41.63 -16.83 -7.52
CA ASP E 114 -41.71 -17.50 -6.22
C ASP E 114 -42.08 -16.49 -5.15
N TYR E 115 -43.34 -16.54 -4.70
CA TYR E 115 -43.81 -15.58 -3.70
C TYR E 115 -43.25 -15.92 -2.34
N ASN E 116 -42.93 -17.21 -2.12
CA ASN E 116 -42.50 -17.65 -0.80
C ASN E 116 -41.12 -17.10 -0.46
N ARG E 117 -40.30 -16.82 -1.47
CA ARG E 117 -38.97 -16.28 -1.23
C ARG E 117 -38.97 -14.77 -1.04
N MET E 118 -40.09 -14.09 -1.33
CA MET E 118 -40.22 -12.63 -1.12
C MET E 118 -40.29 -12.37 0.38
N HIS E 119 -40.15 -11.12 0.86
CA HIS E 119 -40.11 -10.69 2.26
C HIS E 119 -38.73 -11.05 2.79
N GLU E 120 -38.33 -12.31 2.63
CA GLU E 120 -36.95 -12.69 2.92
C GLU E 120 -36.00 -11.86 2.06
N SER E 121 -36.32 -11.74 0.76
CA SER E 121 -35.47 -10.95 -0.11
C SER E 121 -35.59 -9.47 0.19
N LEU E 122 -36.71 -9.04 0.78
CA LEU E 122 -36.83 -7.65 1.15
C LEU E 122 -35.98 -7.36 2.38
N MET E 123 -35.93 -8.30 3.32
CA MET E 123 -35.09 -8.10 4.50
C MET E 123 -33.63 -8.13 4.10
N LEU E 124 -33.29 -8.98 3.12
CA LEU E 124 -31.91 -9.04 2.66
C LEU E 124 -31.53 -7.74 1.96
N PHE E 125 -32.46 -7.22 1.15
CA PHE E 125 -32.20 -5.97 0.44
C PHE E 125 -32.02 -4.83 1.44
N ASP E 126 -32.91 -4.76 2.44
CA ASP E 126 -32.82 -3.69 3.42
C ASP E 126 -31.51 -3.80 4.20
N SER E 127 -31.11 -5.02 4.55
CA SER E 127 -29.87 -5.21 5.29
C SER E 127 -28.66 -4.74 4.50
N ILE E 128 -28.59 -5.09 3.22
CA ILE E 128 -27.43 -4.66 2.42
C ILE E 128 -27.49 -3.16 2.14
N CYS E 129 -28.68 -2.62 1.89
CA CYS E 129 -28.81 -1.20 1.56
C CYS E 129 -28.35 -0.31 2.70
N ASN E 130 -28.61 -0.70 3.95
CA ASN E 130 -28.31 0.13 5.11
C ASN E 130 -27.08 -0.35 5.87
N ASN E 131 -26.25 -1.18 5.26
CA ASN E 131 -25.03 -1.63 5.89
C ASN E 131 -24.07 -0.45 5.97
N LYS E 132 -23.40 -0.29 7.11
CA LYS E 132 -22.51 0.84 7.30
C LYS E 132 -21.38 0.86 6.27
N PHE E 133 -21.05 -0.26 5.64
CA PHE E 133 -19.99 -0.27 4.65
C PHE E 133 -20.49 -0.05 3.23
N PHE E 134 -21.80 -0.12 3.00
CA PHE E 134 -22.40 -0.01 1.68
C PHE E 134 -23.38 1.14 1.59
N ILE E 135 -23.26 2.11 2.50
CA ILE E 135 -24.25 3.19 2.57
C ILE E 135 -24.28 4.01 1.30
N ASP E 136 -23.15 4.11 0.59
CA ASP E 136 -23.09 4.83 -0.67
C ASP E 136 -22.73 3.96 -1.86
N THR E 137 -22.93 2.65 -1.78
CA THR E 137 -22.63 1.75 -2.88
C THR E 137 -23.92 1.46 -3.63
N SER E 138 -23.93 1.74 -4.92
CA SER E 138 -25.15 1.59 -5.71
C SER E 138 -25.51 0.13 -5.89
N ILE E 139 -26.79 -0.11 -6.16
CA ILE E 139 -27.34 -1.44 -6.34
C ILE E 139 -27.98 -1.56 -7.71
N ILE E 140 -27.68 -2.62 -8.43
CA ILE E 140 -28.30 -2.92 -9.71
C ILE E 140 -29.28 -4.05 -9.44
N LEU E 141 -30.57 -3.74 -9.50
CA LEU E 141 -31.61 -4.69 -9.11
C LEU E 141 -32.21 -5.36 -10.33
N PHE E 142 -32.09 -6.68 -10.40
CA PHE E 142 -32.60 -7.50 -11.50
C PHE E 142 -33.80 -8.28 -11.03
N LEU E 143 -34.94 -8.09 -11.69
CA LEU E 143 -36.16 -8.78 -11.33
C LEU E 143 -36.31 -9.91 -12.34
N ASN E 144 -36.03 -11.12 -11.90
CA ASN E 144 -35.95 -12.29 -12.77
C ASN E 144 -37.26 -13.04 -12.91
N LYS E 145 -37.32 -13.82 -13.99
CA LYS E 145 -38.44 -14.71 -14.32
C LYS E 145 -39.77 -13.97 -14.51
N LYS E 146 -39.73 -12.86 -15.23
CA LYS E 146 -40.98 -12.15 -15.50
C LYS E 146 -41.88 -12.99 -16.39
N ASP E 147 -41.30 -13.93 -17.14
CA ASP E 147 -42.03 -14.80 -18.05
C ASP E 147 -42.90 -15.82 -17.32
N LEU E 148 -42.66 -16.03 -16.04
CA LEU E 148 -43.52 -16.89 -15.24
C LEU E 148 -44.42 -16.07 -14.36
N PHE E 149 -43.90 -14.95 -13.87
CA PHE E 149 -44.67 -14.07 -13.00
C PHE E 149 -45.93 -13.60 -13.73
N GLY E 150 -45.77 -13.18 -14.99
CA GLY E 150 -46.88 -12.64 -15.75
C GLY E 150 -48.00 -13.64 -15.96
N GLU E 151 -47.74 -14.92 -15.74
CA GLU E 151 -48.80 -15.92 -15.86
C GLU E 151 -49.30 -16.34 -14.50
N LYS E 152 -48.39 -16.45 -13.53
CA LYS E 152 -48.77 -16.85 -12.18
C LYS E 152 -49.76 -15.86 -11.60
N ILE E 153 -49.56 -14.57 -11.88
CA ILE E 153 -50.41 -13.52 -11.33
C ILE E 153 -51.87 -13.66 -11.72
N LYS E 154 -52.18 -14.42 -12.77
CA LYS E 154 -53.57 -14.56 -13.17
C LYS E 154 -54.32 -15.59 -12.32
N LYS E 155 -53.59 -16.36 -11.51
CA LYS E 155 -54.16 -17.36 -10.62
C LYS E 155 -53.99 -17.00 -9.16
N SER E 156 -52.91 -16.29 -8.83
CA SER E 156 -52.55 -15.90 -7.48
C SER E 156 -52.26 -14.39 -7.53
N PRO E 157 -53.31 -13.56 -7.49
CA PRO E 157 -53.19 -12.15 -7.89
C PRO E 157 -52.48 -11.27 -6.86
N LEU E 158 -51.22 -11.61 -6.59
CA LEU E 158 -50.34 -10.79 -5.75
C LEU E 158 -50.79 -10.81 -4.29
N THR E 159 -52.06 -10.50 -4.01
CA THR E 159 -52.48 -10.43 -2.61
C THR E 159 -52.16 -11.66 -1.77
N ILE E 160 -51.83 -12.79 -2.42
CA ILE E 160 -51.37 -13.97 -1.70
C ILE E 160 -50.08 -13.69 -0.97
N CYS E 161 -49.26 -12.77 -1.49
CA CYS E 161 -47.96 -12.42 -0.96
C CYS E 161 -47.93 -11.05 -0.28
N PHE E 162 -48.57 -10.04 -0.87
CA PHE E 162 -48.58 -8.68 -0.36
C PHE E 162 -50.02 -8.28 -0.09
N PRO E 163 -50.61 -8.75 1.01
CA PRO E 163 -52.03 -8.48 1.25
C PRO E 163 -52.35 -7.00 1.36
N GLU E 164 -51.37 -6.17 1.72
CA GLU E 164 -51.59 -4.72 1.81
C GLU E 164 -51.36 -4.11 0.43
N TYR E 165 -52.28 -4.43 -0.49
CA TYR E 165 -52.20 -3.97 -1.86
C TYR E 165 -53.61 -3.68 -2.36
N THR E 166 -53.76 -2.51 -2.99
CA THR E 166 -55.04 -2.06 -3.53
C THR E 166 -54.83 -1.69 -4.99
N GLY E 167 -55.01 -2.63 -5.90
CA GLY E 167 -54.78 -2.36 -7.29
C GLY E 167 -55.06 -3.51 -8.24
N PRO E 168 -54.89 -3.26 -9.53
CA PRO E 168 -55.17 -4.28 -10.53
C PRO E 168 -54.30 -5.51 -10.39
N ASN E 169 -54.88 -6.67 -10.66
CA ASN E 169 -54.15 -7.94 -10.65
C ASN E 169 -53.56 -8.20 -12.03
N THR E 170 -52.66 -7.30 -12.42
CA THR E 170 -52.06 -7.28 -13.74
C THR E 170 -50.54 -7.34 -13.63
N TYR E 171 -49.91 -7.76 -14.72
CA TYR E 171 -48.46 -7.83 -14.79
C TYR E 171 -47.80 -6.47 -14.55
N GLU E 172 -48.25 -5.44 -15.27
CA GLU E 172 -47.56 -4.15 -15.19
C GLU E 172 -47.70 -3.52 -13.80
N ASP E 173 -48.87 -3.64 -13.18
CA ASP E 173 -49.03 -2.95 -11.91
C ASP E 173 -48.42 -3.73 -10.77
N ALA E 174 -48.46 -5.06 -10.84
CA ALA E 174 -47.81 -5.83 -9.78
C ALA E 174 -46.31 -5.64 -9.85
N ALA E 175 -45.76 -5.60 -11.06
CA ALA E 175 -44.32 -5.40 -11.18
C ALA E 175 -43.94 -4.02 -10.67
N ALA E 176 -44.74 -3.00 -10.98
CA ALA E 176 -44.42 -1.67 -10.50
C ALA E 176 -44.48 -1.62 -8.98
N TYR E 177 -45.48 -2.29 -8.39
CA TYR E 177 -45.61 -2.28 -6.94
C TYR E 177 -44.40 -2.94 -6.28
N ILE E 178 -43.98 -4.09 -6.82
CA ILE E 178 -42.83 -4.77 -6.23
C ILE E 178 -41.60 -3.89 -6.33
N GLN E 179 -41.39 -3.26 -7.50
CA GLN E 179 -40.23 -2.41 -7.64
C GLN E 179 -40.29 -1.27 -6.63
N ALA E 180 -41.47 -0.69 -6.43
CA ALA E 180 -41.59 0.39 -5.45
C ALA E 180 -41.26 -0.10 -4.06
N GLN E 181 -41.63 -1.34 -3.74
CA GLN E 181 -41.35 -1.87 -2.41
C GLN E 181 -39.86 -2.03 -2.21
N PHE E 182 -39.15 -2.45 -3.26
CA PHE E 182 -37.70 -2.59 -3.13
C PHE E 182 -37.02 -1.24 -3.04
N GLU E 183 -37.48 -0.26 -3.83
CA GLU E 183 -36.86 1.05 -3.81
C GLU E 183 -37.16 1.81 -2.53
N SER E 184 -38.23 1.44 -1.82
CA SER E 184 -38.57 2.10 -0.56
C SER E 184 -37.55 1.85 0.54
N LYS E 185 -36.63 0.90 0.37
CA LYS E 185 -35.64 0.60 1.40
C LYS E 185 -34.41 1.48 1.29
N ASN E 186 -34.35 2.32 0.26
CA ASN E 186 -33.22 3.22 0.07
C ASN E 186 -33.44 4.48 0.89
N ARG E 187 -32.68 4.61 1.99
CA ARG E 187 -32.84 5.71 2.93
C ARG E 187 -31.66 6.67 2.88
N SER E 188 -30.89 6.67 1.79
CA SER E 188 -29.74 7.56 1.66
C SER E 188 -29.70 8.19 0.27
N PRO E 189 -29.70 9.53 0.19
CA PRO E 189 -29.73 10.19 -1.13
C PRO E 189 -28.46 10.01 -1.94
N ASN E 190 -27.40 9.46 -1.37
CA ASN E 190 -26.12 9.30 -2.05
C ASN E 190 -26.00 7.98 -2.79
N LYS E 191 -27.06 7.18 -2.83
CA LYS E 191 -27.06 5.88 -3.46
C LYS E 191 -28.21 5.80 -4.46
N GLU E 192 -27.96 5.13 -5.59
CA GLU E 192 -28.96 4.93 -6.62
C GLU E 192 -29.27 3.44 -6.72
N ILE E 193 -30.50 3.13 -7.10
CA ILE E 193 -30.90 1.77 -7.40
C ILE E 193 -31.37 1.70 -8.84
N TYR E 194 -30.79 0.79 -9.60
CA TYR E 194 -31.15 0.56 -10.99
C TYR E 194 -32.05 -0.67 -11.02
N CYS E 195 -33.06 -0.65 -11.88
CA CYS E 195 -33.94 -1.80 -12.00
C CYS E 195 -34.02 -2.24 -13.45
N HIS E 196 -34.09 -3.55 -13.65
CA HIS E 196 -34.21 -4.11 -14.98
C HIS E 196 -35.01 -5.41 -14.93
N MET E 197 -35.91 -5.57 -15.90
CA MET E 197 -36.73 -6.77 -15.99
C MET E 197 -36.05 -7.73 -16.95
N THR E 198 -35.95 -8.99 -16.57
CA THR E 198 -35.31 -9.99 -17.42
C THR E 198 -36.19 -11.22 -17.58
N CYS E 199 -35.87 -12.00 -18.60
CA CYS E 199 -36.45 -13.30 -18.86
C CYS E 199 -35.39 -14.36 -18.71
N ALA E 200 -35.82 -15.59 -18.40
CA ALA E 200 -34.86 -16.67 -18.29
C ALA E 200 -34.06 -16.83 -19.58
N THR E 201 -34.66 -16.51 -20.73
CA THR E 201 -34.02 -16.65 -22.02
C THR E 201 -33.47 -15.33 -22.57
N ASP E 202 -33.48 -14.26 -21.76
CA ASP E 202 -33.00 -12.96 -22.20
C ASP E 202 -31.49 -12.89 -21.99
N THR E 203 -30.74 -12.83 -23.08
CA THR E 203 -29.29 -12.83 -23.02
C THR E 203 -28.70 -11.45 -22.86
N ASN E 204 -29.51 -10.40 -22.95
CA ASN E 204 -29.02 -9.02 -22.91
C ASN E 204 -28.85 -8.52 -21.48
N ASN E 205 -27.95 -9.16 -20.74
CA ASN E 205 -27.66 -8.72 -19.38
C ASN E 205 -26.32 -8.03 -19.26
N ALA E 206 -25.38 -8.34 -20.14
CA ALA E 206 -24.06 -7.72 -20.05
C ALA E 206 -24.16 -6.23 -20.33
N GLN E 207 -25.05 -5.85 -21.25
CA GLN E 207 -25.20 -4.45 -21.61
C GLN E 207 -25.80 -3.66 -20.46
N VAL E 208 -26.71 -4.27 -19.71
CA VAL E 208 -27.35 -3.55 -18.60
C VAL E 208 -26.33 -3.30 -17.50
N ILE E 209 -25.54 -4.31 -17.18
CA ILE E 209 -24.52 -4.16 -16.14
C ILE E 209 -23.49 -3.12 -16.60
N PHE E 210 -23.06 -3.23 -17.85
CA PHE E 210 -22.06 -2.30 -18.39
C PHE E 210 -22.54 -0.86 -18.31
N ASP E 211 -23.79 -0.60 -18.72
CA ASP E 211 -24.28 0.78 -18.69
C ASP E 211 -24.53 1.25 -17.27
N ALA E 212 -25.03 0.38 -16.40
CA ALA E 212 -25.22 0.82 -15.02
C ALA E 212 -23.88 1.13 -14.37
N VAL E 213 -22.87 0.31 -14.63
CA VAL E 213 -21.56 0.56 -14.06
C VAL E 213 -20.99 1.87 -14.58
N THR E 214 -21.18 2.14 -15.87
CA THR E 214 -20.68 3.40 -16.42
C THR E 214 -21.32 4.59 -15.73
N ASP E 215 -22.64 4.56 -15.53
CA ASP E 215 -23.26 5.68 -14.85
C ASP E 215 -22.83 5.74 -13.39
N ILE E 216 -22.60 4.59 -12.77
CA ILE E 216 -22.19 4.55 -11.37
C ILE E 216 -20.81 5.17 -11.19
N ILE E 217 -19.87 4.80 -12.07
CA ILE E 217 -18.53 5.35 -11.99
C ILE E 217 -18.53 6.84 -12.27
N ILE E 218 -19.38 7.31 -13.20
CA ILE E 218 -19.41 8.75 -13.44
C ILE E 218 -19.96 9.46 -12.22
N ALA E 219 -21.06 8.95 -11.67
CA ALA E 219 -21.65 9.60 -10.50
C ALA E 219 -20.67 9.64 -9.35
N ASN E 220 -19.89 8.57 -9.16
CA ASN E 220 -18.90 8.56 -8.10
C ASN E 220 -17.73 9.47 -8.42
N ASN E 221 -17.44 9.70 -9.70
CA ASN E 221 -16.39 10.64 -10.04
C ASN E 221 -16.80 12.07 -9.74
N LEU E 222 -18.10 12.36 -9.81
CA LEU E 222 -18.55 13.72 -9.55
C LEU E 222 -18.89 13.93 -8.09
N ARG E 223 -19.51 12.94 -7.47
CA ARG E 223 -19.77 13.07 -6.01
C ARG E 223 -18.43 12.87 -5.32
N GLY E 224 -18.24 13.49 -4.16
CA GLY E 224 -16.98 13.31 -3.41
C GLY E 224 -15.88 14.05 -4.14
N CYS E 225 -16.23 14.70 -5.25
CA CYS E 225 -15.25 15.57 -5.95
C CYS E 225 -15.52 16.98 -5.42
N GLY E 226 -16.45 17.10 -4.47
CA GLY E 226 -16.86 18.41 -3.95
C GLY E 226 -17.91 19.09 -4.81
N LEU E 227 -18.43 18.39 -5.82
CA LEU E 227 -19.53 18.96 -6.63
C LEU E 227 -20.73 19.23 -5.71
N VAL F 2 18.63 -29.44 -8.64
CA VAL F 2 19.49 -28.30 -8.96
C VAL F 2 20.68 -28.81 -9.75
N GLN F 3 20.84 -28.34 -10.98
CA GLN F 3 21.96 -28.74 -11.81
C GLN F 3 22.43 -27.57 -12.65
N LEU F 4 23.75 -27.47 -12.82
CA LEU F 4 24.39 -26.52 -13.72
C LEU F 4 25.35 -27.31 -14.58
N VAL F 5 25.23 -27.19 -15.89
CA VAL F 5 26.06 -27.93 -16.84
C VAL F 5 26.82 -26.95 -17.72
N GLU F 6 28.14 -27.06 -17.73
CA GLU F 6 29.00 -26.20 -18.53
C GLU F 6 29.26 -26.80 -19.90
N SER F 7 29.45 -25.91 -20.87
CA SER F 7 29.82 -26.29 -22.22
C SER F 7 30.77 -25.23 -22.75
N GLY F 8 31.30 -25.51 -23.93
CA GLY F 8 32.31 -24.66 -24.51
C GLY F 8 33.65 -25.14 -23.98
N GLY F 9 34.69 -24.37 -24.23
CA GLY F 9 36.00 -24.82 -23.82
C GLY F 9 36.69 -25.62 -24.91
N GLY F 10 37.80 -26.25 -24.53
CA GLY F 10 38.64 -26.93 -25.48
C GLY F 10 39.92 -26.15 -25.73
N LEU F 11 40.63 -26.56 -26.79
CA LEU F 11 41.93 -26.00 -27.11
C LEU F 11 41.77 -24.91 -28.16
N VAL F 12 42.29 -23.72 -27.85
CA VAL F 12 42.23 -22.57 -28.74
C VAL F 12 43.61 -21.96 -28.85
N GLN F 13 43.90 -21.39 -30.02
CA GLN F 13 45.16 -20.69 -30.23
C GLN F 13 45.14 -19.31 -29.58
N PRO F 14 46.30 -18.81 -29.15
CA PRO F 14 46.36 -17.46 -28.60
C PRO F 14 45.82 -16.43 -29.59
N GLY F 15 45.09 -15.47 -29.07
CA GLY F 15 44.51 -14.41 -29.87
C GLY F 15 43.10 -14.67 -30.34
N GLY F 16 42.58 -15.88 -30.15
CA GLY F 16 41.25 -16.22 -30.57
C GLY F 16 40.22 -15.86 -29.51
N SER F 17 39.01 -16.38 -29.69
CA SER F 17 37.90 -16.10 -28.79
C SER F 17 37.02 -17.33 -28.71
N ARG F 18 36.36 -17.50 -27.56
CA ARG F 18 35.45 -18.62 -27.36
C ARG F 18 34.31 -18.17 -26.46
N LYS F 19 33.16 -18.83 -26.60
CA LYS F 19 32.03 -18.60 -25.72
C LYS F 19 31.79 -19.82 -24.84
N LEU F 20 31.66 -19.61 -23.54
CA LEU F 20 31.32 -20.68 -22.62
C LEU F 20 29.84 -20.52 -22.32
N SER F 21 29.18 -21.64 -22.00
CA SER F 21 27.75 -21.59 -21.72
C SER F 21 27.33 -22.55 -20.62
N CYS F 22 26.56 -22.05 -19.66
CA CYS F 22 26.07 -22.87 -18.56
C CYS F 22 24.57 -22.99 -18.63
N SER F 23 24.09 -24.22 -18.68
CA SER F 23 22.69 -24.56 -18.75
C SER F 23 22.22 -24.88 -17.34
N ALA F 24 21.26 -24.10 -16.85
CA ALA F 24 20.74 -24.26 -15.51
C ALA F 24 19.45 -25.04 -15.57
N SER F 25 19.24 -25.92 -14.59
CA SER F 25 18.01 -26.69 -14.52
C SER F 25 17.68 -26.99 -13.07
N GLY F 26 16.38 -27.08 -12.79
CA GLY F 26 15.92 -27.43 -11.47
C GLY F 26 15.84 -26.32 -10.46
N PHE F 27 15.91 -25.06 -10.88
CA PHE F 27 15.83 -23.95 -9.93
C PHE F 27 15.34 -22.72 -10.66
N ALA F 28 14.94 -21.71 -9.86
CA ALA F 28 14.44 -20.43 -10.37
C ALA F 28 15.62 -19.54 -10.79
N PHE F 29 16.22 -19.94 -11.91
CA PHE F 29 17.43 -19.30 -12.41
C PHE F 29 17.31 -17.78 -12.45
N SER F 30 16.16 -17.27 -12.90
CA SER F 30 16.02 -15.83 -13.04
C SER F 30 16.10 -15.09 -11.71
N SER F 31 15.94 -15.79 -10.59
CA SER F 31 16.00 -15.15 -9.28
C SER F 31 17.40 -15.13 -8.69
N PHE F 32 18.36 -15.82 -9.32
CA PHE F 32 19.71 -15.94 -8.82
C PHE F 32 20.70 -15.12 -9.65
N GLY F 33 21.70 -14.60 -8.96
CA GLY F 33 22.81 -13.98 -9.64
C GLY F 33 23.78 -15.08 -9.99
N MET F 34 24.58 -14.87 -11.04
CA MET F 34 25.52 -15.90 -11.45
C MET F 34 26.94 -15.38 -11.51
N HIS F 35 27.88 -16.26 -11.15
CA HIS F 35 29.30 -15.98 -11.14
C HIS F 35 30.06 -16.98 -11.99
N TRP F 36 31.14 -16.52 -12.61
CA TRP F 36 32.14 -17.40 -13.22
C TRP F 36 33.38 -17.32 -12.34
N VAL F 37 33.93 -18.48 -12.03
CA VAL F 37 35.13 -18.66 -11.23
C VAL F 37 36.08 -19.57 -12.01
N ARG F 38 37.38 -19.28 -11.99
CA ARG F 38 38.29 -20.15 -12.72
C ARG F 38 39.39 -20.64 -11.79
N GLN F 39 39.92 -21.80 -12.13
CA GLN F 39 41.01 -22.43 -11.41
C GLN F 39 42.11 -22.85 -12.36
N ALA F 40 43.29 -22.26 -12.23
CA ALA F 40 44.38 -22.62 -13.12
C ALA F 40 44.73 -24.08 -12.85
N PRO F 41 45.30 -24.78 -13.82
CA PRO F 41 45.50 -26.24 -13.66
C PRO F 41 46.06 -26.70 -12.32
N GLU F 42 47.02 -25.98 -11.72
CA GLU F 42 47.57 -26.39 -10.44
C GLU F 42 47.48 -25.30 -9.36
N LYS F 43 46.58 -24.33 -9.52
CA LYS F 43 46.49 -23.21 -8.60
C LYS F 43 45.13 -23.19 -7.90
N GLY F 44 44.93 -22.16 -7.09
CA GLY F 44 43.71 -21.96 -6.35
C GLY F 44 42.63 -21.31 -7.21
N LEU F 45 41.51 -21.00 -6.56
CA LEU F 45 40.38 -20.44 -7.29
C LEU F 45 40.56 -18.95 -7.48
N GLU F 46 40.06 -18.45 -8.60
CA GLU F 46 40.06 -17.03 -8.91
C GLU F 46 38.71 -16.63 -9.48
N TRP F 47 38.15 -15.52 -9.00
CA TRP F 47 36.87 -15.03 -9.47
C TRP F 47 37.05 -14.36 -10.83
N VAL F 48 36.10 -14.59 -11.74
CA VAL F 48 36.13 -14.02 -13.08
C VAL F 48 35.03 -12.97 -13.30
N ALA F 49 33.77 -13.34 -13.07
CA ALA F 49 32.74 -12.35 -13.39
C ALA F 49 31.42 -12.61 -12.67
N TYR F 50 30.60 -11.57 -12.55
CA TYR F 50 29.29 -11.65 -11.93
C TYR F 50 28.21 -10.86 -12.67
N ILE F 51 27.02 -11.46 -12.79
CA ILE F 51 25.80 -10.80 -13.24
C ILE F 51 24.74 -10.95 -12.17
N SER F 52 24.18 -9.83 -11.73
CA SER F 52 23.12 -9.85 -10.73
C SER F 52 21.81 -10.25 -11.40
N SER F 53 20.79 -10.50 -10.59
CA SER F 53 19.51 -10.87 -11.20
C SER F 53 18.99 -9.66 -11.95
N GLY F 54 18.29 -9.92 -13.05
CA GLY F 54 17.74 -8.83 -13.83
C GLY F 54 18.78 -8.18 -14.72
N SER F 55 20.03 -8.65 -14.65
CA SER F 55 21.17 -8.10 -15.38
C SER F 55 21.38 -6.62 -15.07
N GLY F 56 21.02 -6.20 -13.87
CA GLY F 56 21.23 -4.81 -13.50
C GLY F 56 22.68 -4.48 -13.23
N THR F 57 23.39 -5.38 -12.55
CA THR F 57 24.76 -5.15 -12.11
C THR F 57 25.69 -6.22 -12.69
N ILE F 58 26.77 -5.79 -13.33
CA ILE F 58 27.78 -6.69 -13.87
C ILE F 58 29.14 -6.25 -13.34
N TYR F 59 29.91 -7.21 -12.81
CA TYR F 59 31.25 -6.95 -12.32
C TYR F 59 32.22 -7.91 -12.99
N TYR F 60 33.46 -7.44 -13.18
CA TYR F 60 34.53 -8.25 -13.73
C TYR F 60 35.79 -8.12 -12.89
N ALA F 61 36.59 -9.18 -12.89
CA ALA F 61 37.92 -9.15 -12.32
C ALA F 61 38.79 -8.25 -13.18
N ASP F 62 39.83 -7.67 -12.59
CA ASP F 62 40.63 -6.72 -13.36
C ASP F 62 41.67 -7.41 -14.23
N THR F 63 41.69 -8.74 -14.26
CA THR F 63 42.60 -9.48 -15.13
C THR F 63 41.94 -9.86 -16.44
N VAL F 64 40.62 -9.70 -16.52
CA VAL F 64 39.81 -10.04 -17.68
C VAL F 64 39.00 -8.86 -18.19
N LYS F 65 39.07 -7.72 -17.52
CA LYS F 65 38.21 -6.58 -17.82
C LYS F 65 38.54 -6.04 -19.20
N GLY F 66 37.50 -5.88 -20.03
CA GLY F 66 37.64 -5.38 -21.37
C GLY F 66 37.81 -6.45 -22.42
N ARG F 67 38.04 -7.69 -22.00
CA ARG F 67 38.20 -8.81 -22.92
C ARG F 67 37.06 -9.80 -22.83
N PHE F 68 36.47 -9.97 -21.64
CA PHE F 68 35.39 -10.90 -21.41
C PHE F 68 34.09 -10.12 -21.28
N THR F 69 33.00 -10.70 -21.80
CA THR F 69 31.66 -10.18 -21.61
C THR F 69 30.80 -11.28 -21.01
N ILE F 70 30.11 -10.97 -19.92
CA ILE F 70 29.26 -11.95 -19.25
C ILE F 70 27.82 -11.56 -19.58
N SER F 71 26.99 -12.57 -19.89
CA SER F 71 25.59 -12.30 -20.23
C SER F 71 24.75 -13.48 -19.81
N ARG F 72 23.43 -13.28 -19.76
CA ARG F 72 22.51 -14.36 -19.43
C ARG F 72 21.27 -14.23 -20.29
N ASP F 73 20.58 -15.36 -20.47
CA ASP F 73 19.34 -15.44 -21.22
C ASP F 73 18.34 -16.26 -20.41
N ASP F 74 17.57 -15.55 -19.58
CA ASP F 74 16.67 -16.20 -18.63
C ASP F 74 15.63 -17.09 -19.29
N PRO F 75 15.01 -16.72 -20.41
CA PRO F 75 14.01 -17.62 -21.02
C PRO F 75 14.54 -18.99 -21.38
N LYS F 76 15.86 -19.14 -21.53
CA LYS F 76 16.44 -20.43 -21.84
C LYS F 76 17.33 -20.91 -20.69
N ASN F 77 17.28 -20.21 -19.56
CA ASN F 77 18.08 -20.54 -18.39
C ASN F 77 19.54 -20.75 -18.75
N THR F 78 20.11 -19.88 -19.59
CA THR F 78 21.49 -20.08 -20.02
C THR F 78 22.35 -18.87 -19.72
N LEU F 79 23.52 -19.12 -19.14
CA LEU F 79 24.51 -18.09 -18.85
C LEU F 79 25.63 -18.21 -19.87
N PHE F 80 26.15 -17.09 -20.36
CA PHE F 80 27.22 -17.13 -21.34
C PHE F 80 28.38 -16.26 -20.88
N LEU F 81 29.57 -16.64 -21.32
CA LEU F 81 30.77 -15.82 -21.17
C LEU F 81 31.50 -15.79 -22.51
N GLN F 82 31.58 -14.61 -23.12
CA GLN F 82 32.25 -14.46 -24.40
C GLN F 82 33.65 -13.90 -24.14
N MET F 83 34.68 -14.67 -24.45
CA MET F 83 36.05 -14.31 -24.18
C MET F 83 36.78 -14.02 -25.48
N THR F 84 37.48 -12.89 -25.52
CA THR F 84 38.29 -12.51 -26.66
C THR F 84 39.73 -12.31 -26.20
N SER F 85 40.64 -12.25 -27.18
CA SER F 85 42.06 -12.01 -26.91
C SER F 85 42.57 -12.97 -25.83
N LEU F 86 42.32 -14.26 -26.04
CA LEU F 86 42.77 -15.27 -25.08
C LEU F 86 44.28 -15.35 -25.03
N ARG F 87 44.80 -15.56 -23.83
CA ARG F 87 46.23 -15.65 -23.56
C ARG F 87 46.53 -16.99 -22.91
N SER F 88 47.82 -17.35 -22.87
CA SER F 88 48.17 -18.62 -22.25
C SER F 88 47.81 -18.66 -20.77
N GLU F 89 47.76 -17.50 -20.11
CA GLU F 89 47.36 -17.45 -18.71
C GLU F 89 45.87 -17.69 -18.50
N ASP F 90 45.07 -17.77 -19.56
CA ASP F 90 43.65 -18.01 -19.44
C ASP F 90 43.30 -19.49 -19.41
N THR F 91 44.29 -20.38 -19.48
CA THR F 91 44.01 -21.81 -19.38
C THR F 91 43.50 -22.10 -17.97
N ALA F 92 42.32 -22.70 -17.87
CA ALA F 92 41.78 -22.96 -16.54
C ALA F 92 40.51 -23.78 -16.64
N MET F 93 40.12 -24.34 -15.49
CA MET F 93 38.79 -24.92 -15.35
C MET F 93 37.86 -23.79 -14.95
N TYR F 94 36.74 -23.64 -15.67
CA TYR F 94 35.77 -22.59 -15.38
C TYR F 94 34.52 -23.20 -14.77
N TYR F 95 34.09 -22.63 -13.65
CA TYR F 95 32.93 -23.09 -12.90
C TYR F 95 31.89 -21.98 -12.89
N CYS F 96 30.63 -22.38 -12.96
CA CYS F 96 29.50 -21.47 -12.85
C CYS F 96 28.90 -21.66 -11.46
N VAL F 97 28.72 -20.57 -10.74
CA VAL F 97 28.26 -20.62 -9.36
C VAL F 97 27.06 -19.71 -9.22
N ARG F 98 26.03 -20.18 -8.51
CA ARG F 98 24.86 -19.34 -8.32
C ARG F 98 24.93 -18.72 -6.94
N SER F 99 24.29 -17.56 -6.79
CA SER F 99 24.15 -16.93 -5.50
C SER F 99 22.84 -16.15 -5.47
N ILE F 100 22.24 -16.05 -4.30
CA ILE F 100 21.03 -15.27 -4.12
C ILE F 100 21.25 -14.40 -2.90
N TYR F 101 20.85 -13.14 -2.98
CA TYR F 101 21.09 -12.22 -1.88
C TYR F 101 19.80 -11.65 -1.33
N TYR F 102 19.54 -11.96 -0.07
CA TYR F 102 18.41 -11.47 0.71
C TYR F 102 18.81 -11.70 2.15
N TYR F 103 18.09 -11.10 3.09
CA TYR F 103 18.45 -11.30 4.48
C TYR F 103 18.35 -12.79 4.82
N GLY F 104 19.43 -13.34 5.36
CA GLY F 104 19.46 -14.73 5.75
C GLY F 104 19.83 -15.71 4.65
N SER F 105 20.15 -15.23 3.46
CA SER F 105 20.47 -16.13 2.35
C SER F 105 21.86 -16.71 2.51
N SER F 106 22.16 -17.74 1.71
CA SER F 106 23.45 -18.41 1.70
C SER F 106 24.04 -18.45 0.29
N PRO F 107 24.73 -17.39 -0.13
CA PRO F 107 25.23 -17.32 -1.51
C PRO F 107 26.39 -18.28 -1.73
N PHE F 108 26.62 -18.64 -2.99
CA PHE F 108 27.70 -19.54 -3.38
C PHE F 108 27.45 -20.95 -2.84
N ASP F 109 26.18 -21.31 -2.67
CA ASP F 109 25.86 -22.63 -2.13
C ASP F 109 26.00 -23.75 -3.15
N PHE F 110 25.57 -23.55 -4.39
CA PHE F 110 25.61 -24.62 -5.38
C PHE F 110 26.55 -24.29 -6.53
N TRP F 111 27.58 -25.12 -6.69
CA TRP F 111 28.57 -24.97 -7.75
C TRP F 111 28.33 -26.10 -8.74
N GLY F 112 28.48 -25.81 -10.02
CA GLY F 112 28.36 -26.81 -11.05
C GLY F 112 29.69 -27.46 -11.35
N GLN F 113 29.70 -28.22 -12.43
CA GLN F 113 30.91 -28.86 -12.90
C GLN F 113 31.55 -27.82 -13.80
N GLY F 114 32.86 -27.87 -13.98
CA GLY F 114 33.50 -26.91 -14.84
C GLY F 114 33.73 -27.41 -16.26
N THR F 115 34.31 -26.52 -17.05
CA THR F 115 34.74 -26.80 -18.40
C THR F 115 36.22 -26.42 -18.47
N THR F 116 37.00 -27.15 -19.27
CA THR F 116 38.43 -26.89 -19.32
C THR F 116 38.76 -26.12 -20.59
N LEU F 117 39.38 -24.96 -20.41
CA LEU F 117 39.85 -24.13 -21.52
C LEU F 117 41.36 -24.23 -21.55
N THR F 118 41.90 -24.60 -22.70
CA THR F 118 43.34 -24.71 -22.90
C THR F 118 43.77 -23.74 -23.99
N VAL F 119 44.78 -22.92 -23.70
CA VAL F 119 45.31 -21.95 -24.63
C VAL F 119 46.77 -22.29 -24.87
N SER F 120 47.13 -22.47 -26.13
CA SER F 120 48.49 -22.87 -26.47
C SER F 120 49.48 -21.76 -26.13
N SER F 136 44.42 -2.35 -3.44
CA SER F 136 43.01 -2.14 -3.09
C SER F 136 42.34 -3.44 -2.71
N ASP F 137 42.68 -4.51 -3.42
CA ASP F 137 42.07 -5.80 -3.18
C ASP F 137 42.45 -6.32 -1.79
N ILE F 138 41.52 -7.04 -1.17
CA ILE F 138 41.79 -7.66 0.12
C ILE F 138 42.52 -8.98 -0.13
N VAL F 139 43.68 -9.13 0.48
CA VAL F 139 44.51 -10.31 0.29
C VAL F 139 44.20 -11.32 1.40
N MET F 140 43.92 -12.55 1.01
CA MET F 140 43.63 -13.64 1.93
C MET F 140 44.86 -14.55 1.97
N THR F 141 45.34 -14.82 3.17
CA THR F 141 46.53 -15.65 3.37
C THR F 141 46.20 -16.88 4.19
N GLN F 142 46.55 -18.05 3.67
CA GLN F 142 46.34 -19.30 4.39
C GLN F 142 47.50 -19.53 5.35
N ALA F 143 47.18 -20.00 6.56
CA ALA F 143 48.23 -20.23 7.54
C ALA F 143 49.22 -21.29 7.06
N THR F 144 48.74 -22.31 6.36
CA THR F 144 49.60 -23.38 5.88
C THR F 144 49.08 -23.92 4.55
N SER F 145 50.00 -24.48 3.76
CA SER F 145 49.63 -25.11 2.50
C SER F 145 49.16 -26.55 2.65
N SER F 146 49.56 -27.25 3.72
CA SER F 146 49.20 -28.65 3.87
C SER F 146 49.21 -29.05 5.33
N VAL F 147 48.19 -29.81 5.73
CA VAL F 147 48.09 -30.33 7.08
C VAL F 147 47.80 -31.83 7.02
N PRO F 148 48.84 -32.68 7.32
CA PRO F 148 48.65 -34.13 7.41
C PRO F 148 47.49 -34.21 8.38
N VAL F 149 46.62 -35.21 8.17
CA VAL F 149 45.54 -35.42 9.17
C VAL F 149 45.36 -36.94 9.39
N THR F 150 44.84 -37.34 10.55
CA THR F 150 44.54 -38.78 10.84
C THR F 150 43.05 -38.87 11.14
N PRO F 151 42.28 -39.87 10.64
CA PRO F 151 40.85 -39.86 10.88
C PRO F 151 40.56 -39.96 12.39
N GLY F 152 39.59 -39.20 12.89
CA GLY F 152 39.31 -39.15 14.34
C GLY F 152 40.08 -38.01 14.98
N GLU F 153 40.59 -37.07 14.19
CA GLU F 153 41.42 -35.98 14.68
C GLU F 153 40.67 -34.65 14.55
N SER F 154 41.06 -33.70 15.39
CA SER F 154 40.53 -32.34 15.32
C SER F 154 41.50 -31.53 14.45
N VAL F 155 40.98 -30.93 13.38
CA VAL F 155 41.80 -30.21 12.41
C VAL F 155 41.37 -28.75 12.41
N SER F 156 42.34 -27.85 12.51
CA SER F 156 42.05 -26.42 12.51
C SER F 156 42.80 -25.75 11.36
N ILE F 157 42.04 -25.14 10.46
CA ILE F 157 42.52 -24.47 9.25
C ILE F 157 42.25 -22.99 9.46
N SER F 158 43.23 -22.13 9.20
CA SER F 158 42.98 -20.72 9.47
C SER F 158 43.47 -19.83 8.35
N CYS F 159 42.91 -18.62 8.32
CA CYS F 159 43.22 -17.62 7.32
C CYS F 159 43.33 -16.25 7.98
N ARG F 160 43.99 -15.35 7.26
CA ARG F 160 44.06 -13.94 7.62
C ARG F 160 43.67 -13.12 6.41
N SER F 161 43.18 -11.90 6.67
CA SER F 161 42.88 -10.95 5.61
C SER F 161 43.66 -9.67 5.83
N SER F 162 43.92 -8.94 4.74
CA SER F 162 44.58 -7.66 4.84
C SER F 162 43.71 -6.58 5.44
N LYS F 163 42.38 -6.74 5.39
CA LYS F 163 41.45 -5.78 5.96
C LYS F 163 40.40 -6.53 6.75
N SER F 164 39.89 -5.89 7.80
CA SER F 164 38.83 -6.50 8.57
C SER F 164 37.62 -6.76 7.69
N LEU F 165 37.00 -7.93 7.88
CA LEU F 165 35.81 -8.32 7.15
C LEU F 165 34.55 -8.09 7.95
N LEU F 166 34.65 -7.47 9.11
CA LEU F 166 33.50 -7.19 9.95
C LEU F 166 32.98 -5.81 9.58
N HIS F 167 31.76 -5.76 9.06
CA HIS F 167 31.18 -4.53 8.56
C HIS F 167 30.42 -3.86 9.70
N SER F 168 29.86 -2.68 9.44
CA SER F 168 29.14 -1.97 10.49
C SER F 168 27.77 -2.57 10.76
N ASN F 169 27.27 -3.42 9.86
CA ASN F 169 25.98 -4.05 10.02
C ASN F 169 26.06 -5.30 10.89
N GLY F 170 27.25 -5.64 11.41
CA GLY F 170 27.42 -6.77 12.29
C GLY F 170 27.82 -8.07 11.62
N ASN F 171 27.77 -8.13 10.29
CA ASN F 171 28.11 -9.35 9.58
C ASN F 171 29.59 -9.41 9.23
N THR F 172 30.15 -10.61 9.28
CA THR F 172 31.51 -10.87 8.83
C THR F 172 31.40 -11.69 7.55
N TYR F 173 31.93 -11.17 6.46
CA TYR F 173 31.74 -11.77 5.14
C TYR F 173 32.86 -12.73 4.76
N LEU F 174 32.96 -13.82 5.52
CA LEU F 174 33.96 -14.85 5.25
C LEU F 174 33.26 -16.16 4.90
N TYR F 175 33.67 -16.78 3.80
CA TYR F 175 33.13 -18.03 3.33
C TYR F 175 34.22 -19.10 3.30
N TRP F 176 33.83 -20.33 3.63
CA TRP F 176 34.70 -21.49 3.55
C TRP F 176 34.10 -22.49 2.57
N PHE F 177 34.95 -23.00 1.67
CA PHE F 177 34.61 -23.96 0.63
C PHE F 177 35.53 -25.17 0.71
N LEU F 178 35.01 -26.35 0.33
CA LEU F 178 35.80 -27.57 0.26
C LEU F 178 35.78 -28.14 -1.15
N GLN F 179 36.96 -28.32 -1.74
CA GLN F 179 37.13 -28.92 -3.06
C GLN F 179 37.74 -30.30 -2.90
N ARG F 180 36.92 -31.34 -3.04
CA ARG F 180 37.42 -32.69 -2.90
C ARG F 180 38.09 -33.09 -4.20
N PRO F 181 39.01 -34.07 -4.17
CA PRO F 181 39.65 -34.47 -5.42
C PRO F 181 38.63 -34.89 -6.47
N GLY F 182 38.77 -34.32 -7.67
CA GLY F 182 37.89 -34.65 -8.77
C GLY F 182 36.53 -33.99 -8.75
N GLN F 183 36.26 -33.09 -7.81
CA GLN F 183 34.95 -32.49 -7.68
C GLN F 183 35.03 -30.97 -7.65
N SER F 184 33.92 -30.34 -8.03
CA SER F 184 33.79 -28.89 -7.87
C SER F 184 33.64 -28.58 -6.38
N PRO F 185 34.12 -27.42 -5.94
CA PRO F 185 34.01 -27.10 -4.51
C PRO F 185 32.58 -26.87 -4.06
N GLN F 186 32.33 -27.19 -2.80
CA GLN F 186 31.04 -26.97 -2.18
C GLN F 186 31.21 -26.00 -1.03
N LEU F 187 30.12 -25.32 -0.69
CA LEU F 187 30.13 -24.38 0.41
C LEU F 187 30.01 -25.11 1.74
N LEU F 188 30.88 -24.75 2.69
CA LEU F 188 30.81 -25.27 4.04
C LEU F 188 30.30 -24.23 5.02
N ILE F 189 30.89 -23.04 5.04
CA ILE F 189 30.48 -22.02 6.01
C ILE F 189 30.31 -20.69 5.32
N TYR F 190 29.23 -19.98 5.65
CA TYR F 190 29.00 -18.65 5.14
C TYR F 190 28.96 -17.65 6.29
N ARG F 191 29.42 -16.44 5.99
CA ARG F 191 29.50 -15.31 6.93
C ARG F 191 30.27 -15.57 8.22
N MET F 192 31.26 -16.46 8.13
CA MET F 192 32.21 -16.86 9.17
C MET F 192 31.65 -17.89 10.14
N SER F 193 30.35 -18.11 10.25
CA SER F 193 29.86 -19.08 11.27
C SER F 193 28.62 -19.87 10.87
N ASN F 194 27.98 -19.55 9.74
CA ASN F 194 26.71 -20.17 9.40
C ASN F 194 26.94 -21.42 8.57
N LEU F 195 26.63 -22.59 9.12
CA LEU F 195 26.90 -23.88 8.44
C LEU F 195 25.92 -24.04 7.28
N ALA F 196 26.43 -24.35 6.09
CA ALA F 196 25.63 -24.52 4.88
C ALA F 196 24.71 -25.73 5.00
N SER F 197 23.54 -25.63 4.36
CA SER F 197 22.60 -26.74 4.38
C SER F 197 23.23 -27.94 3.70
N GLY F 198 23.03 -29.12 4.28
CA GLY F 198 23.58 -30.34 3.73
C GLY F 198 24.94 -30.71 4.28
N VAL F 199 25.53 -29.82 5.07
CA VAL F 199 26.85 -30.02 5.66
C VAL F 199 26.68 -30.53 7.08
N PRO F 200 27.39 -31.59 7.49
CA PRO F 200 27.24 -32.10 8.85
C PRO F 200 27.75 -31.11 9.88
N ASP F 201 27.29 -31.26 11.12
CA ASP F 201 27.63 -30.31 12.17
C ASP F 201 29.02 -30.51 12.76
N ARG F 202 29.82 -31.33 12.08
CA ARG F 202 31.23 -31.49 12.41
C ARG F 202 32.08 -30.26 12.15
N PHE F 203 31.62 -29.39 11.26
CA PHE F 203 32.34 -28.19 10.85
C PHE F 203 31.87 -27.02 11.69
N SER F 204 32.81 -26.16 12.07
CA SER F 204 32.47 -24.97 12.82
C SER F 204 33.44 -23.86 12.45
N GLY F 205 32.94 -22.63 12.33
CA GLY F 205 33.77 -21.50 12.00
C GLY F 205 33.76 -20.48 13.11
N SER F 206 34.86 -19.74 13.22
CA SER F 206 34.95 -18.69 14.23
C SER F 206 36.04 -17.72 13.82
N GLY F 207 36.11 -16.60 14.52
CA GLY F 207 37.17 -15.65 14.28
C GLY F 207 36.79 -14.25 14.69
N SER F 208 37.67 -13.33 14.34
CA SER F 208 37.52 -11.91 14.60
C SER F 208 38.00 -11.21 13.34
N GLY F 209 38.06 -9.89 13.37
CA GLY F 209 38.51 -9.20 12.17
C GLY F 209 39.95 -9.57 11.86
N THR F 210 40.19 -9.83 10.58
CA THR F 210 41.51 -10.18 10.06
C THR F 210 41.98 -11.58 10.46
N ALA F 211 41.26 -12.31 11.32
CA ALA F 211 41.74 -13.63 11.72
C ALA F 211 40.60 -14.63 11.85
N PHE F 212 40.67 -15.73 11.08
CA PHE F 212 39.57 -16.67 11.03
C PHE F 212 40.06 -18.11 11.14
N THR F 213 39.21 -18.98 11.71
CA THR F 213 39.49 -20.41 11.82
C THR F 213 38.28 -21.26 11.45
N LEU F 214 38.56 -22.38 10.78
CA LEU F 214 37.64 -23.48 10.52
C LEU F 214 38.08 -24.69 11.32
N THR F 215 37.21 -25.23 12.15
CA THR F 215 37.51 -26.39 12.98
C THR F 215 36.67 -27.57 12.50
N ILE F 216 37.33 -28.70 12.27
CA ILE F 216 36.66 -29.93 11.90
C ILE F 216 36.88 -30.94 13.02
N SER F 217 35.80 -31.33 13.69
CA SER F 217 35.87 -32.32 14.75
C SER F 217 35.59 -33.70 14.17
N ARG F 218 36.24 -34.72 14.73
CA ARG F 218 36.01 -36.10 14.32
C ARG F 218 36.16 -36.26 12.81
N LEU F 219 37.33 -35.90 12.28
CA LEU F 219 37.49 -35.95 10.83
C LEU F 219 37.20 -37.35 10.32
N GLU F 220 36.44 -37.41 9.23
CA GLU F 220 36.01 -38.64 8.58
C GLU F 220 36.63 -38.77 7.19
N ALA F 221 36.28 -39.87 6.54
CA ALA F 221 36.65 -40.11 5.16
C ALA F 221 35.79 -39.21 4.27
N GLU F 222 36.28 -38.93 3.07
CA GLU F 222 35.53 -38.06 2.16
C GLU F 222 35.32 -36.71 2.83
N ASP F 223 36.37 -36.29 3.54
CA ASP F 223 36.49 -35.04 4.27
C ASP F 223 37.88 -34.46 4.00
N VAL F 224 38.51 -34.90 2.92
CA VAL F 224 39.90 -34.61 2.59
C VAL F 224 39.92 -33.93 1.23
N GLY F 225 40.62 -32.80 1.16
CA GLY F 225 40.70 -32.01 -0.05
C GLY F 225 41.24 -30.64 0.28
N VAL F 226 40.99 -29.69 -0.60
CA VAL F 226 41.52 -28.35 -0.43
C VAL F 226 40.44 -27.42 0.07
N TYR F 227 40.72 -26.74 1.18
CA TYR F 227 39.81 -25.81 1.82
C TYR F 227 40.18 -24.39 1.40
N TYR F 228 39.19 -23.59 1.02
CA TYR F 228 39.46 -22.24 0.56
C TYR F 228 38.67 -21.22 1.37
N CYS F 229 39.34 -20.11 1.66
CA CYS F 229 38.77 -18.91 2.25
C CYS F 229 38.39 -17.94 1.16
N MET F 230 37.20 -17.37 1.26
CA MET F 230 36.79 -16.33 0.33
C MET F 230 36.20 -15.17 1.11
N GLN F 231 36.49 -13.96 0.69
CA GLN F 231 35.87 -12.78 1.25
C GLN F 231 34.79 -12.30 0.30
N HIS F 232 33.68 -11.84 0.85
CA HIS F 232 32.63 -11.26 0.04
C HIS F 232 32.19 -9.92 0.61
N LEU F 233 33.17 -9.08 0.95
CA LEU F 233 32.86 -7.77 1.51
C LEU F 233 32.76 -6.74 0.40
N GLU F 234 33.67 -6.85 -0.57
CA GLU F 234 33.71 -5.89 -1.70
C GLU F 234 34.35 -6.55 -2.92
N TYR F 235 33.80 -6.31 -4.09
CA TYR F 235 34.39 -6.84 -5.35
C TYR F 235 35.72 -6.13 -5.60
N PRO F 236 36.75 -6.79 -6.17
CA PRO F 236 36.65 -8.17 -6.66
C PRO F 236 36.77 -9.23 -5.56
N LEU F 237 36.06 -10.35 -5.73
CA LEU F 237 36.08 -11.42 -4.72
C LEU F 237 37.40 -12.18 -4.82
N THR F 238 38.03 -12.46 -3.68
CA THR F 238 39.32 -13.10 -3.64
C THR F 238 39.27 -14.36 -2.78
N PHE F 239 40.14 -15.30 -3.13
CA PHE F 239 40.27 -16.59 -2.47
C PHE F 239 41.68 -16.74 -1.92
N GLY F 240 41.81 -17.57 -0.89
CA GLY F 240 43.13 -17.92 -0.41
C GLY F 240 43.74 -19.00 -1.27
N ALA F 241 45.02 -19.28 -1.01
CA ALA F 241 45.74 -20.28 -1.79
C ALA F 241 45.11 -21.66 -1.67
N GLY F 242 44.56 -21.98 -0.50
CA GLY F 242 43.95 -23.26 -0.24
C GLY F 242 44.81 -24.14 0.65
N THR F 243 44.22 -24.73 1.68
CA THR F 243 44.92 -25.60 2.60
C THR F 243 44.51 -27.04 2.31
N LYS F 244 45.48 -27.88 1.99
CA LYS F 244 45.21 -29.27 1.67
C LYS F 244 45.32 -30.16 2.90
N LEU F 245 44.35 -31.03 3.10
CA LEU F 245 44.43 -32.06 4.12
C LEU F 245 44.83 -33.36 3.42
N GLU F 246 45.58 -34.20 4.13
CA GLU F 246 45.99 -35.47 3.56
C GLU F 246 45.94 -36.56 4.62
N LEU F 247 45.73 -37.80 4.17
CA LEU F 247 45.70 -38.96 5.05
C LEU F 247 46.78 -39.95 4.64
#